data_6PR3
#
_entry.id   6PR3
#
_cell.length_a   59.276
_cell.length_b   98.944
_cell.length_c   146.312
_cell.angle_alpha   90.000
_cell.angle_beta   90.000
_cell.angle_gamma   90.000
#
_symmetry.space_group_name_H-M   'P 21 21 21'
#
loop_
_entity.id
_entity.type
_entity.pdbx_description
1 polymer 'Siroheme synthase'
2 non-polymer 'CHLORIDE ION'
3 non-polymer S-ADENOSYL-L-HOMOCYSTEINE
4 water water
#
_entity_poly.entity_id   1
_entity_poly.type   'polypeptide(L)'
_entity_poly.pdbx_seq_one_letter_code
;MDHLPIFCQLRDRDCLIVGGGDVAERKARLLLEAGARLTVNALTFIPQFTVWANEGMLTLVEGPFDETLLDSCWLAIAAT
DDDTVNQRVSDAAESRRIFCNVVDAPKAASFIMPSIIDRSPLMVAVSAGGTSPVLARLLREKLESLLPQHLGQVARYAGQ
LRARVKKQFATMGERRRFWEKFFVNDRLAQSLANADEKAVNATTERLFSEPLDHRGEVVLVGAGPGDAGLLTLKGLQQIQ
QADIVVYDRLVSDDIMNLVRRAADRVFVGKRAGYHCVPQEEINQILLREAQKGKRVVRLKGGDPFIFGRGGEELETLCHA
GIPFSVVPGITAASGCSAYSGIPLTHRDYAQSVRLVTGHLKTGGELDWENLAAEKQTLVFYMGLNQAATIQEKLIAFGMQ
ADMPVALVENGTSVKQRVVHGVLTQLGELAQQVESPALIIVGRVVALRDKLNWFSNH
;
_entity_poly.pdbx_strand_id   A,B
#
loop_
_chem_comp.id
_chem_comp.type
_chem_comp.name
_chem_comp.formula
CL non-polymer 'CHLORIDE ION' 'Cl -1'
#
# COMPACT_ATOMS: atom_id res chain seq x y z
N MET A 1 7.99 -11.83 9.12
CA MET A 1 6.68 -12.48 9.15
C MET A 1 6.69 -13.70 10.07
N ASP A 2 5.53 -13.93 10.70
CA ASP A 2 5.39 -15.06 11.63
C ASP A 2 5.56 -16.39 10.91
N HIS A 3 5.05 -16.51 9.67
CA HIS A 3 5.13 -17.77 8.94
C HIS A 3 5.52 -17.49 7.49
N LEU A 4 6.05 -18.50 6.84
CA LEU A 4 6.29 -18.44 5.41
C LEU A 4 5.25 -19.31 4.71
N PRO A 5 4.31 -18.72 3.97
CA PRO A 5 3.40 -19.54 3.17
C PRO A 5 4.16 -20.18 2.00
N ILE A 6 3.96 -21.49 1.82
CA ILE A 6 4.44 -22.21 0.64
C ILE A 6 3.32 -23.10 0.13
N PHE A 7 3.34 -23.38 -1.17
CA PHE A 7 2.32 -24.22 -1.80
C PHE A 7 3.03 -25.53 -2.18
N CYS A 8 2.76 -26.59 -1.42
CA CYS A 8 3.47 -27.87 -1.56
C CYS A 8 2.82 -28.78 -2.59
N GLN A 9 3.66 -29.47 -3.34
CA GLN A 9 3.21 -30.49 -4.28
C GLN A 9 3.25 -31.82 -3.52
N LEU A 10 2.07 -32.39 -3.25
CA LEU A 10 2.00 -33.58 -2.41
C LEU A 10 1.73 -34.87 -3.18
N ARG A 11 1.55 -34.79 -4.48
CA ARG A 11 1.18 -35.98 -5.23
C ARG A 11 2.26 -37.04 -5.08
N ASP A 12 1.85 -38.22 -4.63
CA ASP A 12 2.71 -39.39 -4.42
C ASP A 12 3.73 -39.19 -3.30
N ARG A 13 3.54 -38.22 -2.41
CA ARG A 13 4.42 -38.05 -1.26
C ARG A 13 3.72 -38.52 0.01
N ASP A 14 4.43 -39.32 0.81
CA ASP A 14 3.87 -39.89 2.02
C ASP A 14 3.61 -38.80 3.05
N CYS A 15 2.41 -38.83 3.62
CA CYS A 15 2.03 -37.99 4.74
C CYS A 15 1.38 -38.86 5.81
N LEU A 16 1.40 -38.38 7.05
CA LEU A 16 0.86 -39.14 8.18
C LEU A 16 -0.09 -38.27 8.98
N ILE A 17 -1.26 -38.79 9.28
CA ILE A 17 -2.16 -38.21 10.29
C ILE A 17 -2.25 -39.17 11.47
N VAL A 18 -2.08 -38.63 12.68
CA VAL A 18 -2.28 -39.38 13.91
C VAL A 18 -3.58 -38.88 14.51
N GLY A 19 -4.52 -39.80 14.70
CA GLY A 19 -5.86 -39.43 15.13
C GLY A 19 -6.86 -39.90 14.10
N GLY A 20 -8.09 -40.19 14.51
CA GLY A 20 -9.06 -40.82 13.62
C GLY A 20 -10.47 -40.26 13.79
N GLY A 21 -10.57 -39.03 14.27
CA GLY A 21 -11.85 -38.40 14.56
C GLY A 21 -12.23 -37.37 13.53
N ASP A 22 -13.15 -36.48 13.91
CA ASP A 22 -13.65 -35.48 12.98
C ASP A 22 -12.56 -34.53 12.54
N VAL A 23 -11.65 -34.18 13.46
CA VAL A 23 -10.58 -33.27 13.07
C VAL A 23 -9.66 -33.92 12.06
N ALA A 24 -9.29 -35.18 12.31
CA ALA A 24 -8.42 -35.89 11.39
C ALA A 24 -9.09 -36.10 10.05
N GLU A 25 -10.39 -36.32 10.04
CA GLU A 25 -11.14 -36.48 8.79
C GLU A 25 -11.06 -35.24 7.91
N ARG A 26 -11.19 -34.05 8.52
CA ARG A 26 -11.15 -32.83 7.74
C ARG A 26 -9.76 -32.58 7.16
N LYS A 27 -8.71 -32.86 7.92
CA LYS A 27 -7.35 -32.72 7.40
C LYS A 27 -7.07 -33.78 6.34
N ALA A 28 -7.56 -35.01 6.57
CA ALA A 28 -7.35 -36.08 5.60
C ALA A 28 -7.98 -35.72 4.26
N ARG A 29 -9.18 -35.12 4.29
CA ARG A 29 -9.84 -34.73 3.05
C ARG A 29 -8.95 -33.79 2.25
N LEU A 30 -8.36 -32.79 2.91
CA LEU A 30 -7.46 -31.86 2.24
C LEU A 30 -6.28 -32.60 1.63
N LEU A 31 -5.61 -33.43 2.43
CA LEU A 31 -4.42 -34.12 1.91
C LEU A 31 -4.77 -35.03 0.75
N LEU A 32 -5.92 -35.70 0.82
CA LEU A 32 -6.36 -36.56 -0.29
C LEU A 32 -6.64 -35.74 -1.55
N GLU A 33 -7.32 -34.60 -1.41
CA GLU A 33 -7.53 -33.72 -2.57
C GLU A 33 -6.21 -33.23 -3.14
N ALA A 34 -5.17 -33.09 -2.32
CA ALA A 34 -3.86 -32.68 -2.82
C ALA A 34 -3.04 -33.82 -3.42
N GLY A 35 -3.58 -35.04 -3.45
CA GLY A 35 -2.88 -36.19 -4.00
C GLY A 35 -1.88 -36.88 -3.09
N ALA A 36 -1.88 -36.59 -1.78
CA ALA A 36 -0.90 -37.21 -0.88
C ALA A 36 -1.07 -38.72 -0.82
N ARG A 37 0.01 -39.42 -0.50
CA ARG A 37 -0.11 -40.83 -0.17
C ARG A 37 -0.22 -40.89 1.35
N LEU A 38 -1.44 -41.14 1.84
CA LEU A 38 -1.82 -40.87 3.22
C LEU A 38 -1.90 -42.15 4.06
N THR A 39 -1.28 -42.11 5.24
CA THR A 39 -1.50 -43.07 6.30
C THR A 39 -2.16 -42.37 7.48
N VAL A 40 -3.15 -43.02 8.08
CA VAL A 40 -3.83 -42.54 9.27
C VAL A 40 -3.61 -43.57 10.39
N ASN A 41 -3.07 -43.11 11.52
CA ASN A 41 -2.67 -44.00 12.62
C ASN A 41 -3.47 -43.52 13.83
N ALA A 42 -4.38 -44.37 14.32
CA ALA A 42 -5.31 -43.98 15.39
C ALA A 42 -5.83 -45.21 16.13
N LEU A 43 -6.21 -45.01 17.39
CA LEU A 43 -6.81 -46.10 18.17
C LEU A 43 -8.20 -46.47 17.65
N THR A 44 -8.97 -45.49 17.19
CA THR A 44 -10.28 -45.74 16.60
C THR A 44 -10.44 -44.80 15.41
N PHE A 45 -11.36 -45.15 14.50
CA PHE A 45 -11.60 -44.34 13.31
C PHE A 45 -13.10 -44.13 13.15
N ILE A 46 -13.48 -42.91 12.77
CA ILE A 46 -14.88 -42.65 12.44
C ILE A 46 -15.19 -43.29 11.09
N PRO A 47 -16.47 -43.50 10.75
CA PRO A 47 -16.79 -44.35 9.58
C PRO A 47 -16.26 -43.85 8.24
N GLN A 48 -16.13 -42.53 8.03
CA GLN A 48 -15.58 -42.03 6.77
C GLN A 48 -14.18 -42.59 6.46
N PHE A 49 -13.39 -42.92 7.49
CA PHE A 49 -12.09 -43.54 7.22
C PHE A 49 -12.22 -44.96 6.66
N THR A 50 -13.26 -45.70 7.09
CA THR A 50 -13.55 -47.00 6.49
C THR A 50 -13.88 -46.86 5.00
N VAL A 51 -14.74 -45.88 4.66
CA VAL A 51 -15.14 -45.66 3.28
C VAL A 51 -13.91 -45.36 2.42
N TRP A 52 -13.02 -44.51 2.92
CA TRP A 52 -11.80 -44.18 2.18
C TRP A 52 -10.86 -45.39 2.11
N ALA A 53 -10.70 -46.12 3.21
CA ALA A 53 -9.85 -47.32 3.20
C ALA A 53 -10.39 -48.37 2.23
N ASN A 54 -11.72 -48.49 2.14
CA ASN A 54 -12.30 -49.50 1.26
C ASN A 54 -12.12 -49.14 -0.21
N GLU A 55 -12.02 -47.86 -0.52
CA GLU A 55 -11.76 -47.40 -1.87
C GLU A 55 -10.28 -47.37 -2.21
N GLY A 56 -9.41 -47.81 -1.29
CA GLY A 56 -8.00 -47.78 -1.56
C GLY A 56 -7.40 -46.38 -1.61
N MET A 57 -8.03 -45.41 -0.96
CA MET A 57 -7.54 -44.04 -1.05
C MET A 57 -6.52 -43.69 0.02
N LEU A 58 -6.40 -44.50 1.06
CA LEU A 58 -5.42 -44.25 2.11
C LEU A 58 -5.16 -45.56 2.83
N THR A 59 -4.22 -45.53 3.77
CA THR A 59 -3.89 -46.69 4.59
C THR A 59 -4.25 -46.40 6.05
N LEU A 60 -5.00 -47.30 6.68
CA LEU A 60 -5.30 -47.19 8.11
C LEU A 60 -4.36 -48.07 8.92
N VAL A 61 -3.84 -47.52 10.01
CA VAL A 61 -3.03 -48.27 10.98
C VAL A 61 -3.71 -48.12 12.32
N GLU A 62 -4.41 -49.16 12.75
CA GLU A 62 -5.22 -49.10 13.96
C GLU A 62 -4.33 -49.45 15.15
N GLY A 63 -4.15 -48.51 16.06
CA GLY A 63 -3.33 -48.77 17.22
C GLY A 63 -2.74 -47.48 17.74
N PRO A 64 -1.94 -47.58 18.80
CA PRO A 64 -1.29 -46.38 19.32
C PRO A 64 -0.28 -45.82 18.34
N PHE A 65 0.33 -44.69 18.68
CA PHE A 65 1.20 -43.99 17.74
C PHE A 65 2.44 -44.81 17.45
N ASP A 66 2.76 -44.99 16.18
CA ASP A 66 3.95 -45.68 15.74
C ASP A 66 4.89 -44.65 15.15
N GLU A 67 5.92 -44.26 15.92
CA GLU A 67 6.87 -43.25 15.46
C GLU A 67 7.47 -43.63 14.11
N THR A 68 7.71 -44.91 13.87
CA THR A 68 8.36 -45.27 12.62
C THR A 68 7.49 -44.98 11.41
N LEU A 69 6.19 -44.73 11.59
CA LEU A 69 5.39 -44.37 10.43
C LEU A 69 5.77 -43.02 9.85
N LEU A 70 6.52 -42.20 10.60
CA LEU A 70 7.01 -40.95 10.05
C LEU A 70 8.21 -41.14 9.13
N ASP A 71 8.76 -42.34 9.02
CA ASP A 71 10.10 -42.45 8.44
C ASP A 71 10.14 -41.97 7.00
N SER A 72 9.11 -42.22 6.21
CA SER A 72 9.19 -41.74 4.83
C SER A 72 8.39 -40.47 4.57
N CYS A 73 7.98 -39.73 5.59
CA CYS A 73 6.97 -38.71 5.42
C CYS A 73 7.54 -37.33 5.10
N TRP A 74 6.72 -36.53 4.39
CA TRP A 74 6.99 -35.13 4.11
C TRP A 74 6.20 -34.17 5.00
N LEU A 75 5.03 -34.59 5.46
CA LEU A 75 4.20 -33.82 6.40
C LEU A 75 3.60 -34.75 7.43
N ALA A 76 3.37 -34.21 8.64
CA ALA A 76 2.70 -34.96 9.68
C ALA A 76 1.68 -34.05 10.33
N ILE A 77 0.54 -34.65 10.72
CA ILE A 77 -0.52 -33.92 11.42
C ILE A 77 -0.91 -34.70 12.66
N ALA A 78 -0.82 -34.04 13.82
CA ALA A 78 -1.27 -34.61 15.08
C ALA A 78 -2.68 -34.10 15.35
N ALA A 79 -3.65 -35.01 15.24
CA ALA A 79 -5.07 -34.67 15.27
C ALA A 79 -5.81 -35.55 16.27
N THR A 80 -5.17 -35.86 17.40
CA THR A 80 -5.84 -36.55 18.49
C THR A 80 -6.31 -35.54 19.52
N ASP A 81 -7.16 -36.00 20.42
CA ASP A 81 -7.58 -35.20 21.56
C ASP A 81 -6.66 -35.37 22.76
N ASP A 82 -5.54 -36.09 22.59
CA ASP A 82 -4.60 -36.40 23.66
C ASP A 82 -3.36 -35.55 23.47
N ASP A 83 -3.18 -34.54 24.34
CA ASP A 83 -2.07 -33.61 24.16
C ASP A 83 -0.73 -34.30 24.36
N THR A 84 -0.68 -35.34 25.20
CA THR A 84 0.56 -36.10 25.38
C THR A 84 0.93 -36.84 24.10
N VAL A 85 -0.04 -37.45 23.43
CA VAL A 85 0.21 -38.11 22.15
C VAL A 85 0.62 -37.09 21.11
N ASN A 86 -0.12 -35.96 21.02
CA ASN A 86 0.20 -34.96 20.01
C ASN A 86 1.64 -34.47 20.13
N GLN A 87 2.13 -34.33 21.37
CA GLN A 87 3.50 -33.86 21.58
C GLN A 87 4.52 -34.93 21.21
N ARG A 88 4.20 -36.20 21.45
CA ARG A 88 5.10 -37.26 20.98
C ARG A 88 5.21 -37.24 19.47
N VAL A 89 4.09 -37.02 18.77
CA VAL A 89 4.11 -36.92 17.32
C VAL A 89 4.95 -35.72 16.88
N SER A 90 4.72 -34.56 17.49
N SER A 90 4.70 -34.57 17.50
CA SER A 90 5.46 -33.38 17.06
CA SER A 90 5.44 -33.36 17.13
C SER A 90 6.95 -33.54 17.37
C SER A 90 6.93 -33.53 17.39
N ASP A 91 7.29 -34.19 18.49
CA ASP A 91 8.69 -34.45 18.79
C ASP A 91 9.32 -35.40 17.78
N ALA A 92 8.61 -36.49 17.44
CA ALA A 92 9.12 -37.42 16.45
C ALA A 92 9.29 -36.75 15.08
N ALA A 93 8.34 -35.89 14.70
CA ALA A 93 8.44 -35.17 13.42
C ALA A 93 9.61 -34.19 13.42
N GLU A 94 9.75 -33.44 14.51
CA GLU A 94 10.86 -32.49 14.65
C GLU A 94 12.22 -33.18 14.49
N SER A 95 12.41 -34.33 15.13
N SER A 95 12.42 -34.32 15.14
CA SER A 95 13.71 -35.00 15.06
CA SER A 95 13.72 -34.99 15.05
C SER A 95 14.00 -35.55 13.67
C SER A 95 14.03 -35.38 13.62
N ARG A 96 12.99 -35.65 12.80
CA ARG A 96 13.15 -36.04 11.41
C ARG A 96 13.07 -34.85 10.43
N ARG A 97 12.93 -33.62 10.94
CA ARG A 97 12.79 -32.41 10.13
C ARG A 97 11.60 -32.54 9.19
N ILE A 98 10.49 -33.03 9.74
CA ILE A 98 9.23 -33.13 9.01
C ILE A 98 8.32 -32.04 9.55
N PHE A 99 7.87 -31.15 8.65
CA PHE A 99 6.89 -30.15 9.05
C PHE A 99 5.66 -30.83 9.63
N CYS A 100 5.18 -30.32 10.76
CA CYS A 100 4.15 -30.99 11.51
C CYS A 100 3.14 -29.98 12.04
N ASN A 101 1.87 -30.28 11.87
CA ASN A 101 0.79 -29.47 12.40
C ASN A 101 0.17 -30.18 13.61
N VAL A 102 0.06 -29.48 14.74
CA VAL A 102 -0.75 -29.94 15.86
C VAL A 102 -2.03 -29.12 15.83
N VAL A 103 -3.13 -29.75 15.44
CA VAL A 103 -4.34 -29.00 15.09
C VAL A 103 -4.82 -28.17 16.28
N ASP A 104 -4.82 -28.74 17.48
CA ASP A 104 -5.35 -27.99 18.61
C ASP A 104 -4.33 -27.03 19.24
N ALA A 105 -3.14 -26.89 18.64
CA ALA A 105 -2.06 -26.09 19.23
C ALA A 105 -1.32 -25.36 18.12
N PRO A 106 -1.94 -24.32 17.54
CA PRO A 106 -1.29 -23.64 16.40
C PRO A 106 0.11 -23.10 16.68
N LYS A 107 0.41 -22.71 17.94
CA LYS A 107 1.72 -22.13 18.21
C LYS A 107 2.80 -23.17 18.44
N ALA A 108 2.43 -24.43 18.65
CA ALA A 108 3.40 -25.50 18.73
C ALA A 108 3.73 -26.03 17.33
N ALA A 109 4.74 -26.90 17.26
CA ALA A 109 5.15 -27.59 16.03
C ALA A 109 5.47 -26.55 14.94
N SER A 110 5.30 -26.91 13.65
CA SER A 110 6.05 -26.21 12.60
C SER A 110 5.26 -25.77 11.38
N PHE A 111 4.00 -26.18 11.21
CA PHE A 111 3.20 -25.48 10.20
C PHE A 111 1.75 -25.40 10.65
N ILE A 112 1.07 -24.40 10.09
CA ILE A 112 -0.35 -24.13 10.30
C ILE A 112 -1.05 -24.38 8.98
N MET A 113 -2.28 -24.89 9.04
CA MET A 113 -3.09 -25.10 7.86
CA MET A 113 -3.10 -25.11 7.86
C MET A 113 -3.99 -23.89 7.67
N PRO A 114 -3.85 -23.12 6.60
CA PRO A 114 -4.68 -21.93 6.44
C PRO A 114 -6.06 -22.28 5.89
N SER A 115 -6.96 -21.29 5.94
CA SER A 115 -8.21 -21.32 5.19
C SER A 115 -7.94 -21.13 3.71
N ILE A 116 -8.65 -21.86 2.87
CA ILE A 116 -8.35 -21.89 1.44
C ILE A 116 -9.55 -21.43 0.64
N ILE A 117 -9.33 -20.52 -0.30
CA ILE A 117 -10.29 -20.21 -1.35
C ILE A 117 -9.80 -20.84 -2.62
N ASP A 118 -10.57 -21.77 -3.16
CA ASP A 118 -10.16 -22.58 -4.30
C ASP A 118 -10.79 -22.02 -5.56
N ARG A 119 -9.93 -21.58 -6.49
CA ARG A 119 -10.32 -21.34 -7.88
C ARG A 119 -9.37 -22.10 -8.79
N SER A 120 -9.20 -23.40 -8.53
CA SER A 120 -8.08 -24.14 -9.07
C SER A 120 -7.93 -23.87 -10.56
N PRO A 121 -6.71 -23.69 -11.08
CA PRO A 121 -5.45 -23.79 -10.32
C PRO A 121 -5.13 -22.54 -9.45
N LEU A 122 -5.97 -21.51 -9.48
CA LEU A 122 -5.76 -20.35 -8.63
C LEU A 122 -6.18 -20.68 -7.19
N MET A 123 -5.33 -20.36 -6.21
N MET A 123 -5.34 -20.34 -6.23
CA MET A 123 -5.67 -20.60 -4.82
CA MET A 123 -5.63 -20.57 -4.82
C MET A 123 -5.25 -19.41 -3.96
C MET A 123 -5.29 -19.33 -4.02
N VAL A 124 -6.13 -19.02 -3.03
CA VAL A 124 -5.81 -17.99 -2.05
C VAL A 124 -5.89 -18.64 -0.67
N ALA A 125 -4.85 -18.44 0.15
CA ALA A 125 -4.82 -19.01 1.49
C ALA A 125 -4.79 -17.88 2.51
N VAL A 126 -5.52 -18.02 3.61
CA VAL A 126 -5.63 -16.97 4.62
C VAL A 126 -5.52 -17.60 6.00
N SER A 127 -4.68 -17.00 6.85
CA SER A 127 -4.59 -17.45 8.23
C SER A 127 -4.12 -16.30 9.10
N ALA A 128 -4.59 -16.29 10.36
CA ALA A 128 -4.08 -15.38 11.38
C ALA A 128 -3.20 -16.11 12.39
N GLY A 129 -2.72 -17.30 12.05
CA GLY A 129 -1.83 -18.04 12.92
C GLY A 129 -2.44 -18.54 14.21
N GLY A 130 -3.75 -18.75 14.24
CA GLY A 130 -4.43 -19.08 15.48
C GLY A 130 -4.73 -17.91 16.38
N THR A 131 -4.19 -16.73 16.08
CA THR A 131 -4.45 -15.57 16.94
C THR A 131 -5.90 -15.12 16.85
N SER A 132 -6.50 -15.18 15.66
CA SER A 132 -7.89 -14.74 15.51
C SER A 132 -8.54 -15.53 14.40
N PRO A 133 -9.09 -16.72 14.72
CA PRO A 133 -9.84 -17.45 13.69
C PRO A 133 -11.00 -16.65 13.12
N VAL A 134 -11.58 -15.73 13.89
CA VAL A 134 -12.73 -15.00 13.36
C VAL A 134 -12.29 -14.07 12.24
N LEU A 135 -11.13 -13.41 12.41
CA LEU A 135 -10.60 -12.53 11.38
C LEU A 135 -10.31 -13.31 10.10
N ALA A 136 -9.67 -14.47 10.24
CA ALA A 136 -9.41 -15.30 9.06
C ALA A 136 -10.71 -15.69 8.37
N ARG A 137 -11.75 -16.03 9.16
CA ARG A 137 -13.04 -16.39 8.58
C ARG A 137 -13.69 -15.20 7.87
N LEU A 138 -13.68 -14.03 8.53
CA LEU A 138 -14.27 -12.84 7.91
C LEU A 138 -13.54 -12.48 6.62
N LEU A 139 -12.21 -12.53 6.64
CA LEU A 139 -11.42 -12.25 5.44
C LEU A 139 -11.68 -13.29 4.38
N ARG A 140 -11.67 -14.56 4.77
CA ARG A 140 -11.91 -15.63 3.80
C ARG A 140 -13.23 -15.41 3.09
N GLU A 141 -14.27 -15.04 3.83
CA GLU A 141 -15.58 -14.88 3.21
C GLU A 141 -15.61 -13.64 2.30
N LYS A 142 -14.93 -12.57 2.68
CA LYS A 142 -14.91 -11.40 1.80
C LYS A 142 -14.09 -11.70 0.54
N LEU A 143 -12.92 -12.30 0.69
CA LEU A 143 -12.16 -12.65 -0.50
C LEU A 143 -12.96 -13.57 -1.41
N GLU A 144 -13.79 -14.44 -0.82
CA GLU A 144 -14.58 -15.37 -1.62
C GLU A 144 -15.55 -14.61 -2.54
N SER A 145 -16.17 -13.54 -2.05
CA SER A 145 -17.09 -12.77 -2.88
C SER A 145 -16.36 -11.85 -3.86
N LEU A 146 -15.06 -11.61 -3.67
CA LEU A 146 -14.24 -10.77 -4.54
C LEU A 146 -13.66 -11.51 -5.74
N LEU A 147 -13.49 -12.82 -5.64
CA LEU A 147 -12.84 -13.60 -6.69
C LEU A 147 -13.89 -14.28 -7.56
N PRO A 148 -14.04 -13.89 -8.82
CA PRO A 148 -15.06 -14.54 -9.67
C PRO A 148 -14.69 -15.99 -9.92
N GLN A 149 -15.72 -16.80 -10.18
CA GLN A 149 -15.46 -18.22 -10.40
C GLN A 149 -14.86 -18.50 -11.76
N HIS A 150 -14.97 -17.56 -12.71
N HIS A 150 -14.96 -17.57 -12.72
CA HIS A 150 -14.33 -17.71 -14.01
CA HIS A 150 -14.30 -17.81 -14.01
C HIS A 150 -12.81 -17.71 -13.90
C HIS A 150 -12.79 -17.63 -13.93
N LEU A 151 -12.25 -17.18 -12.80
CA LEU A 151 -10.81 -16.99 -12.71
C LEU A 151 -10.05 -18.30 -12.87
N GLY A 152 -10.63 -19.41 -12.40
CA GLY A 152 -9.95 -20.69 -12.52
C GLY A 152 -9.74 -21.09 -13.96
N GLN A 153 -10.77 -20.88 -14.80
CA GLN A 153 -10.65 -21.22 -16.20
C GLN A 153 -9.69 -20.29 -16.91
N VAL A 154 -9.65 -19.02 -16.51
CA VAL A 154 -8.69 -18.08 -17.10
C VAL A 154 -7.26 -18.53 -16.76
N ALA A 155 -7.02 -18.85 -15.48
CA ALA A 155 -5.68 -19.30 -15.07
C ALA A 155 -5.32 -20.62 -15.73
N ARG A 156 -6.27 -21.53 -15.86
CA ARG A 156 -5.97 -22.80 -16.52
C ARG A 156 -5.57 -22.55 -17.97
N TYR A 157 -6.30 -21.68 -18.68
CA TYR A 157 -5.94 -21.37 -20.06
C TYR A 157 -4.57 -20.71 -20.13
N ALA A 158 -4.28 -19.79 -19.21
CA ALA A 158 -2.95 -19.18 -19.19
C ALA A 158 -1.86 -20.24 -19.09
N GLY A 159 -2.06 -21.23 -18.23
CA GLY A 159 -1.07 -22.30 -18.09
C GLY A 159 -0.90 -23.07 -19.38
N GLN A 160 -1.99 -23.30 -20.12
CA GLN A 160 -1.90 -23.97 -21.41
C GLN A 160 -1.16 -23.13 -22.45
N LEU A 161 -1.25 -21.80 -22.36
CA LEU A 161 -0.60 -20.91 -23.32
C LEU A 161 0.83 -20.57 -22.97
N ARG A 162 1.34 -21.01 -21.81
CA ARG A 162 2.63 -20.48 -21.37
C ARG A 162 3.74 -20.86 -22.33
N ALA A 163 3.69 -22.07 -22.88
CA ALA A 163 4.74 -22.50 -23.81
C ALA A 163 4.74 -21.62 -25.06
N ARG A 164 3.55 -21.30 -25.59
CA ARG A 164 3.48 -20.48 -26.79
C ARG A 164 4.00 -19.06 -26.53
N VAL A 165 3.59 -18.45 -25.41
CA VAL A 165 4.04 -17.11 -25.05
C VAL A 165 5.57 -17.05 -24.99
N LYS A 166 6.19 -18.07 -24.38
CA LYS A 166 7.65 -18.09 -24.28
C LYS A 166 8.32 -18.20 -25.64
N LYS A 167 7.74 -19.00 -26.54
CA LYS A 167 8.35 -19.18 -27.86
C LYS A 167 8.20 -17.95 -28.75
N GLN A 168 7.03 -17.28 -28.66
CA GLN A 168 6.73 -16.20 -29.59
C GLN A 168 7.29 -14.85 -29.16
N PHE A 169 7.52 -14.62 -27.87
CA PHE A 169 7.96 -13.32 -27.36
C PHE A 169 9.35 -13.47 -26.77
N ALA A 170 10.30 -12.70 -27.33
CA ALA A 170 11.71 -12.89 -26.98
C ALA A 170 12.05 -12.38 -25.58
N THR A 171 11.46 -11.26 -25.15
CA THR A 171 11.91 -10.62 -23.92
C THR A 171 10.89 -10.73 -22.80
N MET A 172 11.35 -10.48 -21.57
CA MET A 172 10.46 -10.52 -20.41
C MET A 172 9.40 -9.45 -20.51
N GLY A 173 9.78 -8.25 -20.97
CA GLY A 173 8.82 -7.16 -21.06
C GLY A 173 7.67 -7.47 -21.99
N GLU A 174 7.96 -8.14 -23.11
CA GLU A 174 6.89 -8.47 -24.06
C GLU A 174 5.91 -9.46 -23.45
N ARG A 175 6.44 -10.51 -22.82
CA ARG A 175 5.58 -11.53 -22.20
C ARG A 175 4.73 -10.93 -21.10
N ARG A 176 5.31 -10.08 -20.26
CA ARG A 176 4.52 -9.43 -19.22
C ARG A 176 3.40 -8.60 -19.82
N ARG A 177 3.68 -7.88 -20.91
CA ARG A 177 2.64 -7.06 -21.53
C ARG A 177 1.51 -7.92 -22.07
N PHE A 178 1.85 -9.05 -22.70
CA PHE A 178 0.82 -9.99 -23.16
C PHE A 178 -0.07 -10.43 -22.00
N TRP A 179 0.53 -10.83 -20.87
CA TRP A 179 -0.23 -11.37 -19.75
C TRP A 179 -1.10 -10.30 -19.12
N GLU A 180 -0.59 -9.07 -19.05
CA GLU A 180 -1.39 -8.00 -18.47
C GLU A 180 -2.65 -7.72 -19.28
N LYS A 181 -2.58 -7.86 -20.62
CA LYS A 181 -3.76 -7.75 -21.46
C LYS A 181 -4.65 -8.99 -21.34
N PHE A 182 -4.01 -10.16 -21.32
CA PHE A 182 -4.74 -11.42 -21.23
C PHE A 182 -5.64 -11.46 -19.99
N PHE A 183 -5.09 -11.09 -18.83
CA PHE A 183 -5.83 -11.28 -17.58
C PHE A 183 -6.89 -10.22 -17.34
N VAL A 184 -7.02 -9.19 -18.17
CA VAL A 184 -8.12 -8.27 -17.95
C VAL A 184 -9.10 -8.23 -19.13
N ASN A 185 -9.04 -9.21 -20.03
CA ASN A 185 -9.99 -9.24 -21.15
C ASN A 185 -11.24 -9.96 -20.67
N ASP A 186 -12.29 -9.19 -20.38
CA ASP A 186 -13.51 -9.78 -19.83
C ASP A 186 -14.20 -10.70 -20.83
N ARG A 187 -14.12 -10.36 -22.12
CA ARG A 187 -14.74 -11.22 -23.13
C ARG A 187 -14.07 -12.59 -23.19
N LEU A 188 -12.74 -12.62 -23.11
CA LEU A 188 -12.05 -13.90 -23.06
C LEU A 188 -12.47 -14.73 -21.85
N ALA A 189 -12.59 -14.11 -20.67
CA ALA A 189 -13.04 -14.85 -19.49
C ALA A 189 -14.44 -15.44 -19.71
N GLN A 190 -15.35 -14.63 -20.26
CA GLN A 190 -16.70 -15.12 -20.53
C GLN A 190 -16.68 -16.25 -21.55
N SER A 191 -15.86 -16.13 -22.59
CA SER A 191 -15.84 -17.18 -23.60
C SER A 191 -15.33 -18.50 -23.03
N LEU A 192 -14.31 -18.44 -22.16
CA LEU A 192 -13.86 -19.66 -21.47
C LEU A 192 -14.98 -20.24 -20.63
N ALA A 193 -15.71 -19.39 -19.89
CA ALA A 193 -16.79 -19.90 -19.05
C ALA A 193 -17.88 -20.55 -19.89
N ASN A 194 -18.12 -20.06 -21.10
CA ASN A 194 -19.16 -20.62 -21.95
C ASN A 194 -18.69 -21.79 -22.78
N ALA A 195 -17.42 -22.18 -22.67
CA ALA A 195 -16.85 -23.24 -23.51
C ALA A 195 -17.02 -22.90 -25.00
N ASP A 196 -16.80 -21.64 -25.34
CA ASP A 196 -17.01 -21.14 -26.71
C ASP A 196 -15.66 -21.06 -27.40
N GLU A 197 -15.21 -22.20 -27.95
CA GLU A 197 -13.82 -22.30 -28.37
C GLU A 197 -13.53 -21.44 -29.59
N LYS A 198 -14.52 -21.21 -30.46
CA LYS A 198 -14.32 -20.33 -31.59
C LYS A 198 -14.02 -18.90 -31.13
N ALA A 199 -14.82 -18.40 -30.17
CA ALA A 199 -14.57 -17.06 -29.65
C ALA A 199 -13.26 -17.01 -28.86
N VAL A 200 -12.93 -18.08 -28.10
CA VAL A 200 -11.64 -18.11 -27.40
C VAL A 200 -10.48 -17.98 -28.39
N ASN A 201 -10.55 -18.76 -29.47
CA ASN A 201 -9.49 -18.76 -30.48
C ASN A 201 -9.37 -17.41 -31.18
N ALA A 202 -10.50 -16.78 -31.51
CA ALA A 202 -10.44 -15.50 -32.20
C ALA A 202 -9.77 -14.43 -31.35
N THR A 203 -10.19 -14.31 -30.08
CA THR A 203 -9.59 -13.29 -29.22
C THR A 203 -8.12 -13.61 -28.98
N THR A 204 -7.80 -14.89 -28.82
CA THR A 204 -6.42 -15.31 -28.56
C THR A 204 -5.50 -14.95 -29.73
N GLU A 205 -5.92 -15.32 -30.95
CA GLU A 205 -5.12 -14.99 -32.12
C GLU A 205 -4.92 -13.49 -32.27
N ARG A 206 -5.96 -12.69 -32.00
CA ARG A 206 -5.76 -11.24 -32.06
C ARG A 206 -4.78 -10.77 -30.99
N LEU A 207 -4.85 -11.33 -29.78
CA LEU A 207 -3.94 -10.92 -28.71
C LEU A 207 -2.48 -11.20 -29.07
N PHE A 208 -2.21 -12.37 -29.64
CA PHE A 208 -0.84 -12.69 -30.05
C PHE A 208 -0.36 -11.78 -31.16
N SER A 209 -1.26 -11.14 -31.91
CA SER A 209 -0.87 -10.36 -33.06
C SER A 209 -0.60 -8.90 -32.75
N GLU A 210 -0.88 -8.44 -31.54
CA GLU A 210 -0.74 -7.02 -31.28
C GLU A 210 0.74 -6.66 -31.11
N PRO A 211 1.15 -5.47 -31.56
CA PRO A 211 2.51 -5.02 -31.27
C PRO A 211 2.65 -4.73 -29.78
N LEU A 212 3.87 -4.85 -29.29
CA LEU A 212 4.11 -4.55 -27.88
C LEU A 212 5.06 -3.38 -27.77
N ASP A 213 4.81 -2.52 -26.78
CA ASP A 213 5.58 -1.30 -26.57
C ASP A 213 6.86 -1.67 -25.83
N HIS A 214 7.91 -1.95 -26.61
CA HIS A 214 9.21 -2.38 -26.11
C HIS A 214 9.93 -1.33 -25.27
N ARG A 215 9.34 -0.17 -24.97
CA ARG A 215 10.07 0.92 -24.35
C ARG A 215 10.03 0.83 -22.83
N GLY A 216 11.16 1.14 -22.21
CA GLY A 216 11.15 1.40 -20.78
C GLY A 216 10.54 2.77 -20.51
N GLU A 217 10.19 3.00 -19.25
CA GLU A 217 9.55 4.24 -18.85
C GLU A 217 9.97 4.61 -17.44
N VAL A 218 9.78 5.88 -17.11
CA VAL A 218 10.06 6.38 -15.77
C VAL A 218 8.79 7.01 -15.22
N VAL A 219 8.37 6.54 -14.06
CA VAL A 219 7.21 7.11 -13.37
C VAL A 219 7.70 7.76 -12.09
N LEU A 220 7.49 9.06 -11.99
CA LEU A 220 7.71 9.78 -10.74
C LEU A 220 6.52 9.58 -9.82
N VAL A 221 6.71 8.92 -8.68
CA VAL A 221 5.61 8.62 -7.78
C VAL A 221 5.84 9.35 -6.46
N GLY A 222 4.85 10.14 -6.05
CA GLY A 222 4.82 10.69 -4.71
C GLY A 222 4.46 9.66 -3.65
N ALA A 223 5.38 9.38 -2.73
CA ALA A 223 5.14 8.41 -1.66
C ALA A 223 4.24 8.95 -0.56
N GLY A 224 3.99 10.26 -0.51
CA GLY A 224 3.31 10.83 0.63
C GLY A 224 4.33 11.09 1.72
N PRO A 225 3.90 11.60 2.87
CA PRO A 225 4.85 12.04 3.91
C PRO A 225 5.30 10.96 4.87
N GLY A 226 4.72 9.77 4.80
CA GLY A 226 5.26 8.67 5.60
C GLY A 226 4.28 7.52 5.83
N ASP A 227 3.09 7.83 6.33
CA ASP A 227 2.04 6.84 6.55
C ASP A 227 1.78 6.10 5.26
N ALA A 228 1.98 4.78 5.26
CA ALA A 228 1.85 4.00 4.04
C ALA A 228 0.43 4.04 3.51
N GLY A 229 -0.57 4.22 4.38
CA GLY A 229 -1.93 4.35 3.90
C GLY A 229 -2.19 5.60 3.05
N LEU A 230 -1.25 6.55 3.00
CA LEU A 230 -1.42 7.77 2.23
C LEU A 230 -0.84 7.67 0.82
N LEU A 231 -0.24 6.54 0.45
CA LEU A 231 0.09 6.31 -0.95
C LEU A 231 -1.20 6.31 -1.77
N THR A 232 -1.12 6.80 -3.01
CA THR A 232 -2.29 6.74 -3.89
C THR A 232 -2.45 5.32 -4.43
N LEU A 233 -3.69 5.01 -4.84
CA LEU A 233 -3.93 3.72 -5.48
C LEU A 233 -3.08 3.57 -6.73
N LYS A 234 -2.94 4.64 -7.52
CA LYS A 234 -2.10 4.52 -8.71
C LYS A 234 -0.63 4.37 -8.32
N GLY A 235 -0.20 5.08 -7.29
CA GLY A 235 1.17 4.94 -6.83
C GLY A 235 1.47 3.53 -6.39
N LEU A 236 0.53 2.89 -5.70
CA LEU A 236 0.71 1.50 -5.29
C LEU A 236 0.83 0.59 -6.50
N GLN A 237 -0.04 0.80 -7.50
N GLN A 237 -0.01 0.80 -7.52
CA GLN A 237 0.03 0.04 -8.75
CA GLN A 237 0.07 -0.03 -8.72
C GLN A 237 1.42 0.13 -9.37
C GLN A 237 1.43 0.12 -9.40
N GLN A 238 2.01 1.32 -9.39
CA GLN A 238 3.33 1.52 -9.97
C GLN A 238 4.41 0.75 -9.21
N ILE A 239 4.40 0.80 -7.87
CA ILE A 239 5.50 0.14 -7.16
C ILE A 239 5.28 -1.36 -7.00
N GLN A 240 4.04 -1.82 -7.14
CA GLN A 240 3.76 -3.25 -7.18
C GLN A 240 4.12 -3.89 -8.52
N GLN A 241 4.49 -3.07 -9.53
CA GLN A 241 4.83 -3.55 -10.86
C GLN A 241 6.23 -3.17 -11.31
N ALA A 242 6.94 -2.33 -10.57
CA ALA A 242 8.20 -1.76 -11.05
C ALA A 242 9.31 -2.80 -11.15
N ASP A 243 10.20 -2.60 -12.13
CA ASP A 243 11.42 -3.40 -12.21
C ASP A 243 12.51 -2.82 -11.31
N ILE A 244 12.57 -1.50 -11.24
CA ILE A 244 13.54 -0.76 -10.45
C ILE A 244 12.79 0.35 -9.72
N VAL A 245 13.12 0.55 -8.45
CA VAL A 245 12.58 1.64 -7.67
C VAL A 245 13.76 2.42 -7.10
N VAL A 246 13.88 3.67 -7.50
CA VAL A 246 14.89 4.60 -7.01
C VAL A 246 14.24 5.44 -5.93
N TYR A 247 14.75 5.36 -4.70
CA TYR A 247 14.07 5.95 -3.54
C TYR A 247 15.07 6.70 -2.66
N ASP A 248 14.51 7.55 -1.77
CA ASP A 248 15.28 8.47 -0.95
C ASP A 248 15.05 8.27 0.55
N ARG A 249 15.79 9.03 1.38
CA ARG A 249 15.63 9.01 2.84
C ARG A 249 14.23 9.37 3.27
N LEU A 250 13.57 10.27 2.53
CA LEU A 250 12.25 10.77 2.91
C LEU A 250 11.13 9.86 2.49
N VAL A 251 11.44 8.68 1.95
CA VAL A 251 10.44 7.65 1.69
C VAL A 251 10.47 6.69 2.88
N SER A 252 9.34 6.58 3.58
CA SER A 252 9.31 5.81 4.83
C SER A 252 9.55 4.33 4.58
N ASP A 253 10.04 3.63 5.61
CA ASP A 253 10.23 2.19 5.53
C ASP A 253 8.92 1.47 5.21
N ASP A 254 7.81 2.00 5.74
CA ASP A 254 6.51 1.37 5.51
C ASP A 254 6.08 1.46 4.06
N ILE A 255 6.38 2.58 3.39
CA ILE A 255 6.11 2.66 1.97
C ILE A 255 6.98 1.64 1.23
N MET A 256 8.29 1.60 1.56
CA MET A 256 9.18 0.64 0.90
C MET A 256 8.70 -0.79 1.09
N ASN A 257 8.00 -1.07 2.19
CA ASN A 257 7.42 -2.40 2.35
C ASN A 257 6.38 -2.74 1.29
N LEU A 258 5.84 -1.75 0.57
CA LEU A 258 4.86 -2.00 -0.49
C LEU A 258 5.48 -2.16 -1.87
N VAL A 259 6.79 -1.95 -2.00
CA VAL A 259 7.46 -2.22 -3.26
C VAL A 259 7.53 -3.73 -3.43
N ARG A 260 7.12 -4.22 -4.60
CA ARG A 260 7.07 -5.66 -4.78
C ARG A 260 8.45 -6.28 -4.57
N ARG A 261 8.46 -7.49 -4.01
CA ARG A 261 9.72 -8.10 -3.63
C ARG A 261 10.65 -8.32 -4.82
N ALA A 262 10.11 -8.42 -6.03
CA ALA A 262 10.97 -8.74 -7.17
C ALA A 262 11.68 -7.52 -7.75
N ALA A 263 11.30 -6.31 -7.37
CA ALA A 263 11.94 -5.12 -7.89
C ALA A 263 13.33 -4.94 -7.28
N ASP A 264 14.27 -4.47 -8.10
CA ASP A 264 15.53 -3.97 -7.58
C ASP A 264 15.31 -2.60 -6.97
N ARG A 265 15.90 -2.37 -5.81
CA ARG A 265 15.78 -1.10 -5.12
C ARG A 265 17.12 -0.39 -5.16
N VAL A 266 17.11 0.89 -5.48
CA VAL A 266 18.33 1.68 -5.58
C VAL A 266 18.14 2.90 -4.70
N PHE A 267 18.93 2.99 -3.64
CA PHE A 267 18.85 4.06 -2.67
C PHE A 267 19.77 5.18 -3.14
N VAL A 268 19.23 6.38 -3.29
CA VAL A 268 20.07 7.47 -3.79
C VAL A 268 20.23 8.52 -2.70
N GLY A 269 20.58 8.07 -1.50
CA GLY A 269 20.60 8.94 -0.33
C GLY A 269 21.98 9.34 0.10
N LYS A 270 22.13 9.52 1.41
CA LYS A 270 23.42 9.80 2.02
C LYS A 270 23.27 9.63 3.53
N VAL A 277 23.81 12.04 -2.73
CA VAL A 277 23.83 11.84 -4.18
C VAL A 277 23.30 13.07 -4.90
N PRO A 278 24.16 13.72 -5.69
CA PRO A 278 23.73 14.90 -6.44
C PRO A 278 22.67 14.55 -7.48
N GLN A 279 22.05 15.59 -8.02
CA GLN A 279 20.83 15.40 -8.80
C GLN A 279 21.13 14.77 -10.16
N GLU A 280 22.11 15.30 -10.91
CA GLU A 280 22.33 14.74 -12.23
C GLU A 280 22.90 13.33 -12.19
N GLU A 281 23.36 12.86 -11.03
CA GLU A 281 23.72 11.45 -10.89
C GLU A 281 22.49 10.57 -10.76
N ILE A 282 21.46 11.04 -10.04
CA ILE A 282 20.17 10.37 -10.03
C ILE A 282 19.59 10.31 -11.44
N ASN A 283 19.60 11.46 -12.14
CA ASN A 283 19.18 11.50 -13.54
C ASN A 283 19.84 10.40 -14.34
N GLN A 284 21.14 10.20 -14.13
CA GLN A 284 21.88 9.20 -14.90
C GLN A 284 21.38 7.79 -14.60
N ILE A 285 21.04 7.51 -13.34
CA ILE A 285 20.53 6.19 -13.00
C ILE A 285 19.18 5.94 -13.68
N LEU A 286 18.26 6.89 -13.57
CA LEU A 286 16.95 6.76 -14.21
C LEU A 286 17.10 6.52 -15.70
N LEU A 287 17.93 7.35 -16.36
CA LEU A 287 18.14 7.24 -17.79
C LEU A 287 18.69 5.87 -18.18
N ARG A 288 19.77 5.42 -17.51
CA ARG A 288 20.41 4.15 -17.87
C ARG A 288 19.42 2.99 -17.75
N GLU A 289 18.68 2.94 -16.65
CA GLU A 289 17.77 1.83 -16.42
C GLU A 289 16.59 1.85 -17.39
N ALA A 290 16.06 3.05 -17.67
CA ALA A 290 14.94 3.16 -18.60
C ALA A 290 15.36 2.83 -20.04
N GLN A 291 16.58 3.18 -20.42
CA GLN A 291 17.03 2.86 -21.77
C GLN A 291 17.24 1.35 -21.94
N LYS A 292 17.34 0.60 -20.85
CA LYS A 292 17.44 -0.85 -20.90
C LYS A 292 16.07 -1.54 -20.97
N GLY A 293 14.98 -0.77 -21.08
CA GLY A 293 13.65 -1.33 -21.23
C GLY A 293 12.91 -1.63 -19.95
N LYS A 294 13.36 -1.11 -18.81
CA LYS A 294 12.75 -1.43 -17.53
C LYS A 294 11.65 -0.44 -17.19
N ARG A 295 10.71 -0.90 -16.36
CA ARG A 295 9.74 -0.03 -15.71
C ARG A 295 10.40 0.56 -14.47
N VAL A 296 10.72 1.82 -14.53
CA VAL A 296 11.48 2.47 -13.46
C VAL A 296 10.50 3.34 -12.69
N VAL A 297 10.57 3.28 -11.37
CA VAL A 297 9.85 4.22 -10.53
C VAL A 297 10.86 5.03 -9.75
N ARG A 298 10.72 6.34 -9.82
CA ARG A 298 11.42 7.26 -8.95
C ARG A 298 10.44 7.61 -7.84
N LEU A 299 10.68 7.07 -6.65
CA LEU A 299 9.80 7.21 -5.50
C LEU A 299 10.32 8.35 -4.64
N LYS A 300 9.52 9.39 -4.47
CA LYS A 300 9.95 10.59 -3.75
C LYS A 300 9.01 10.84 -2.58
N GLY A 301 9.57 11.38 -1.51
CA GLY A 301 8.76 11.77 -0.36
C GLY A 301 7.74 12.83 -0.76
N GLY A 302 6.56 12.75 -0.15
CA GLY A 302 5.53 13.75 -0.37
C GLY A 302 5.02 13.76 -1.80
N ASP A 303 5.01 14.95 -2.41
CA ASP A 303 4.60 15.17 -3.78
C ASP A 303 5.82 15.47 -4.66
N PRO A 304 5.89 14.90 -5.87
CA PRO A 304 7.12 15.02 -6.69
C PRO A 304 7.38 16.42 -7.22
N PHE A 305 6.37 17.26 -7.34
CA PHE A 305 6.49 18.58 -7.96
C PHE A 305 6.44 19.72 -6.95
N ILE A 306 6.53 19.42 -5.66
CA ILE A 306 6.61 20.43 -4.61
C ILE A 306 7.97 20.28 -3.92
N PHE A 307 8.92 21.13 -4.29
CA PHE A 307 10.29 21.11 -3.75
C PHE A 307 10.92 19.72 -3.86
N GLY A 308 10.60 19.00 -4.92
CA GLY A 308 11.16 17.67 -5.08
C GLY A 308 12.24 17.52 -6.14
N ARG A 309 12.52 18.57 -6.91
CA ARG A 309 13.37 18.52 -8.12
C ARG A 309 12.84 17.52 -9.15
N GLY A 310 11.52 17.29 -9.16
CA GLY A 310 10.92 16.38 -10.11
C GLY A 310 11.02 16.84 -11.55
N GLY A 311 10.99 18.16 -11.77
CA GLY A 311 11.10 18.69 -13.12
C GLY A 311 12.44 18.40 -13.78
N GLU A 312 13.54 18.54 -13.04
CA GLU A 312 14.87 18.34 -13.64
C GLU A 312 15.03 16.92 -14.16
N GLU A 313 14.59 15.93 -13.37
CA GLU A 313 14.69 14.54 -13.79
C GLU A 313 13.94 14.32 -15.10
N LEU A 314 12.73 14.87 -15.21
CA LEU A 314 11.90 14.64 -16.38
C LEU A 314 12.47 15.33 -17.62
N GLU A 315 13.10 16.49 -17.46
CA GLU A 315 13.71 17.17 -18.60
C GLU A 315 14.78 16.30 -19.27
N THR A 316 15.59 15.60 -18.47
CA THR A 316 16.62 14.73 -19.04
C THR A 316 16.01 13.59 -19.84
N LEU A 317 14.89 13.04 -19.35
CA LEU A 317 14.23 11.94 -20.05
C LEU A 317 13.55 12.41 -21.33
N CYS A 318 12.93 13.60 -21.30
CA CYS A 318 12.36 14.15 -22.52
C CYS A 318 13.44 14.40 -23.56
N HIS A 319 14.62 14.85 -23.11
CA HIS A 319 15.74 15.04 -24.04
C HIS A 319 16.19 13.74 -24.69
N ALA A 320 16.01 12.62 -23.98
CA ALA A 320 16.44 11.31 -24.45
C ALA A 320 15.33 10.51 -25.11
N GLY A 321 14.13 11.06 -25.23
CA GLY A 321 13.03 10.33 -25.84
C GLY A 321 12.44 9.23 -25.00
N ILE A 322 12.62 9.28 -23.69
CA ILE A 322 12.13 8.24 -22.79
C ILE A 322 10.76 8.65 -22.27
N PRO A 323 9.74 7.79 -22.38
CA PRO A 323 8.42 8.13 -21.84
C PRO A 323 8.40 8.21 -20.32
N PHE A 324 7.54 9.07 -19.83
CA PHE A 324 7.46 9.28 -18.40
C PHE A 324 6.05 9.73 -18.05
N SER A 325 5.72 9.59 -16.77
CA SER A 325 4.49 10.14 -16.21
C SER A 325 4.74 10.47 -14.74
N VAL A 326 3.77 11.15 -14.14
CA VAL A 326 3.90 11.62 -12.78
C VAL A 326 2.66 11.21 -12.01
N VAL A 327 2.84 10.60 -10.85
CA VAL A 327 1.75 10.31 -9.93
C VAL A 327 1.90 11.27 -8.75
N PRO A 328 0.99 12.20 -8.57
CA PRO A 328 1.12 13.13 -7.44
C PRO A 328 0.97 12.37 -6.14
N GLY A 329 1.52 12.96 -5.06
CA GLY A 329 1.41 12.37 -3.76
C GLY A 329 0.95 13.44 -2.76
N ILE A 330 0.60 12.98 -1.57
CA ILE A 330 0.24 13.90 -0.49
C ILE A 330 1.49 14.65 -0.06
N THR A 331 1.50 15.97 -0.26
CA THR A 331 2.68 16.73 0.16
C THR A 331 2.78 16.80 1.70
N ALA A 332 3.97 17.12 2.19
CA ALA A 332 4.14 17.16 3.65
C ALA A 332 3.12 18.12 4.29
N ALA A 333 2.84 19.26 3.62
CA ALA A 333 1.92 20.25 4.18
C ALA A 333 0.54 19.65 4.44
N SER A 334 -0.02 18.97 3.44
CA SER A 334 -1.36 18.39 3.61
C SER A 334 -1.34 17.29 4.67
N GLY A 335 -0.35 16.40 4.61
CA GLY A 335 -0.28 15.31 5.56
C GLY A 335 -0.14 15.79 6.99
N CYS A 336 0.81 16.70 7.24
CA CYS A 336 1.02 17.19 8.61
C CYS A 336 -0.17 18.03 9.09
N SER A 337 -0.82 18.74 8.18
CA SER A 337 -2.04 19.47 8.49
C SER A 337 -3.11 18.54 9.07
N ALA A 338 -3.47 17.49 8.33
CA ALA A 338 -4.50 16.58 8.79
C ALA A 338 -4.10 15.86 10.07
N TYR A 339 -2.84 15.47 10.20
CA TYR A 339 -2.47 14.60 11.32
C TYR A 339 -2.09 15.36 12.59
N SER A 340 -1.95 16.68 12.52
CA SER A 340 -1.72 17.49 13.70
C SER A 340 -2.97 18.27 14.11
N GLY A 341 -4.05 18.15 13.35
CA GLY A 341 -5.25 18.92 13.63
C GLY A 341 -5.15 20.40 13.29
N ILE A 342 -4.27 20.74 12.36
CA ILE A 342 -4.06 22.13 11.94
C ILE A 342 -4.48 22.25 10.49
N PRO A 343 -5.72 22.64 10.22
CA PRO A 343 -6.14 22.83 8.82
C PRO A 343 -5.36 23.99 8.20
N LEU A 344 -4.93 23.81 6.95
CA LEU A 344 -4.16 24.88 6.30
C LEU A 344 -5.02 26.12 5.99
N THR A 345 -6.30 25.97 5.74
CA THR A 345 -7.21 27.10 5.57
C THR A 345 -8.38 26.92 6.52
N HIS A 346 -9.03 28.02 6.86
CA HIS A 346 -10.20 27.93 7.75
C HIS A 346 -10.89 29.27 7.71
N ARG A 347 -12.23 29.23 7.76
CA ARG A 347 -13.12 30.38 7.61
C ARG A 347 -12.45 31.71 7.91
N ASP A 348 -11.67 32.19 6.95
CA ASP A 348 -11.04 33.50 6.97
C ASP A 348 -10.09 33.70 8.16
N TYR A 349 -9.67 32.62 8.84
CA TYR A 349 -8.36 32.64 9.48
C TYR A 349 -7.29 32.87 8.43
N ALA A 350 -7.40 32.15 7.31
CA ALA A 350 -6.35 32.13 6.30
C ALA A 350 -6.99 32.25 4.93
N GLN A 351 -6.66 33.33 4.24
CA GLN A 351 -7.07 33.51 2.86
C GLN A 351 -6.27 32.60 1.94
N SER A 352 -5.07 32.23 2.35
CA SER A 352 -4.03 31.82 1.43
C SER A 352 -3.10 30.87 2.18
N VAL A 353 -2.54 29.90 1.46
CA VAL A 353 -1.50 29.02 1.97
C VAL A 353 -0.25 29.31 1.16
N ARG A 354 0.87 29.47 1.85
CA ARG A 354 2.16 29.68 1.20
C ARG A 354 3.06 28.48 1.52
N LEU A 355 3.44 27.72 0.51
CA LEU A 355 4.45 26.70 0.70
C LEU A 355 5.80 27.29 0.29
N VAL A 356 6.74 27.33 1.24
CA VAL A 356 7.97 28.09 1.09
C VAL A 356 9.15 27.19 1.41
N THR A 357 10.25 27.38 0.68
CA THR A 357 11.50 26.70 1.05
C THR A 357 12.27 27.56 2.05
N GLY A 358 12.84 26.91 3.05
CA GLY A 358 13.74 27.59 3.97
C GLY A 358 15.20 27.40 3.61
N HIS A 359 15.49 27.05 2.35
CA HIS A 359 16.85 26.75 1.93
C HIS A 359 17.00 27.15 0.46
N LEU A 360 17.70 28.25 0.21
CA LEU A 360 17.77 28.86 -1.12
C LEU A 360 19.15 28.71 -1.74
N LYS A 361 19.20 28.91 -3.05
CA LYS A 361 20.45 28.87 -3.82
C LYS A 361 21.19 30.20 -3.71
N GLY A 363 23.03 33.15 -2.76
CA GLY A 363 22.92 34.49 -2.21
C GLY A 363 21.50 35.02 -2.18
N GLY A 364 20.56 34.22 -2.67
CA GLY A 364 19.17 34.63 -2.66
C GLY A 364 18.59 34.69 -1.26
N GLU A 365 17.52 35.48 -1.12
CA GLU A 365 16.82 35.62 0.14
C GLU A 365 15.33 35.78 -0.13
N LEU A 366 14.53 35.29 0.81
CA LEU A 366 13.08 35.32 0.71
C LEU A 366 12.55 36.75 0.78
N ASP A 367 11.37 36.94 0.19
CA ASP A 367 10.67 38.23 0.17
C ASP A 367 9.89 38.35 1.48
N TRP A 368 10.60 38.74 2.54
CA TRP A 368 10.00 38.66 3.87
C TRP A 368 8.80 39.58 4.03
N GLU A 369 8.82 40.75 3.37
CA GLU A 369 7.63 41.62 3.33
C GLU A 369 6.41 40.82 2.90
N ASN A 370 6.59 40.02 1.85
CA ASN A 370 5.49 39.24 1.31
C ASN A 370 5.03 38.17 2.29
N LEU A 371 5.98 37.46 2.90
CA LEU A 371 5.61 36.35 3.77
C LEU A 371 4.95 36.82 5.05
N ALA A 372 5.22 38.06 5.48
CA ALA A 372 4.67 38.53 6.73
C ALA A 372 3.21 38.95 6.63
N ALA A 373 2.62 38.96 5.43
CA ALA A 373 1.26 39.44 5.23
C ALA A 373 0.26 38.68 6.10
N GLU A 374 -0.81 39.38 6.48
CA GLU A 374 -1.85 38.81 7.33
C GLU A 374 -2.71 37.80 6.57
N LYS A 375 -3.42 36.98 7.34
CA LYS A 375 -4.46 36.08 6.83
C LYS A 375 -3.90 35.05 5.85
N GLN A 376 -2.71 34.55 6.15
CA GLN A 376 -2.21 33.40 5.42
C GLN A 376 -1.63 32.39 6.39
N THR A 377 -1.49 31.17 5.88
CA THR A 377 -0.82 30.09 6.57
C THR A 377 0.51 29.89 5.87
N LEU A 378 1.61 30.00 6.62
CA LEU A 378 2.95 29.78 6.08
C LEU A 378 3.40 28.37 6.42
N VAL A 379 3.95 27.66 5.43
CA VAL A 379 4.50 26.34 5.67
C VAL A 379 5.91 26.31 5.11
N PHE A 380 6.89 26.18 5.99
CA PHE A 380 8.29 26.19 5.59
C PHE A 380 8.77 24.76 5.48
N TYR A 381 9.26 24.43 4.29
CA TYR A 381 9.95 23.17 4.04
C TYR A 381 11.45 23.39 4.21
N MET A 382 12.12 22.36 4.74
CA MET A 382 13.56 22.38 5.07
C MET A 382 14.01 23.72 5.66
N GLY A 383 13.30 24.15 6.71
CA GLY A 383 13.63 25.42 7.33
C GLY A 383 14.16 25.31 8.74
N LEU A 384 14.39 24.07 9.20
CA LEU A 384 14.81 23.86 10.59
C LEU A 384 16.10 24.61 10.92
N ASN A 385 17.12 24.51 10.07
CA ASN A 385 18.39 25.15 10.37
C ASN A 385 18.28 26.67 10.35
N GLN A 386 17.23 27.22 9.77
CA GLN A 386 17.05 28.65 9.60
C GLN A 386 15.94 29.21 10.49
N ALA A 387 15.42 28.41 11.43
CA ALA A 387 14.24 28.82 12.17
C ALA A 387 14.48 30.11 12.92
N ALA A 388 15.69 30.30 13.47
CA ALA A 388 16.00 31.54 14.18
C ALA A 388 15.94 32.74 13.26
N THR A 389 16.42 32.59 12.02
CA THR A 389 16.34 33.68 11.06
C THR A 389 14.91 33.92 10.62
N ILE A 390 14.11 32.85 10.49
CA ILE A 390 12.70 33.01 10.11
C ILE A 390 11.95 33.80 11.18
N GLN A 391 12.14 33.45 12.45
CA GLN A 391 11.49 34.22 13.51
C GLN A 391 11.90 35.69 13.44
N GLU A 392 13.20 35.93 13.30
CA GLU A 392 13.72 37.29 13.28
C GLU A 392 13.15 38.10 12.12
N LYS A 393 13.15 37.53 10.92
CA LYS A 393 12.67 38.27 9.75
C LYS A 393 11.16 38.48 9.79
N LEU A 394 10.37 37.46 10.15
CA LEU A 394 8.93 37.65 10.17
C LEU A 394 8.53 38.73 11.17
N ILE A 395 9.14 38.71 12.36
CA ILE A 395 8.91 39.78 13.33
C ILE A 395 9.30 41.13 12.74
N ALA A 396 10.46 41.20 12.09
CA ALA A 396 10.95 42.51 11.64
C ALA A 396 10.08 43.08 10.52
N PHE A 397 9.37 42.23 9.79
CA PHE A 397 8.47 42.67 8.74
C PHE A 397 7.02 42.65 9.17
N GLY A 398 6.74 42.62 10.47
CA GLY A 398 5.44 43.05 10.98
C GLY A 398 4.54 41.94 11.48
N MET A 399 4.93 40.67 11.35
CA MET A 399 4.08 39.63 11.91
C MET A 399 3.98 39.79 13.43
N GLN A 400 2.77 39.64 13.95
CA GLN A 400 2.57 39.85 15.39
C GLN A 400 3.31 38.80 16.20
N ALA A 401 3.87 39.23 17.33
CA ALA A 401 4.79 38.40 18.11
C ALA A 401 4.10 37.15 18.65
N ASP A 402 2.80 37.22 18.89
CA ASP A 402 2.05 36.10 19.45
C ASP A 402 1.46 35.20 18.37
N MET A 403 1.90 35.34 17.12
CA MET A 403 1.38 34.48 16.07
C MET A 403 1.66 33.04 16.44
N PRO A 404 0.65 32.17 16.50
CA PRO A 404 0.91 30.75 16.79
C PRO A 404 1.76 30.09 15.72
N VAL A 405 2.63 29.18 16.17
CA VAL A 405 3.49 28.41 15.29
C VAL A 405 3.51 26.98 15.79
N ALA A 406 3.67 26.04 14.85
CA ALA A 406 3.86 24.65 15.25
C ALA A 406 4.94 24.02 14.37
N LEU A 407 5.66 23.06 14.94
CA LEU A 407 6.61 22.27 14.18
C LEU A 407 6.18 20.81 14.24
N VAL A 408 6.09 20.17 13.08
CA VAL A 408 5.64 18.79 12.99
C VAL A 408 6.81 17.96 12.48
N GLU A 409 7.33 17.06 13.32
CA GLU A 409 8.40 16.16 12.96
C GLU A 409 7.84 14.78 12.61
N ASN A 410 8.33 14.20 11.51
CA ASN A 410 7.90 12.88 11.07
C ASN A 410 6.37 12.79 11.03
N GLY A 411 5.77 13.79 10.37
CA GLY A 411 4.32 13.88 10.33
C GLY A 411 3.72 12.67 9.62
N THR A 412 2.57 12.23 10.16
CA THR A 412 1.77 11.07 9.73
C THR A 412 2.40 9.72 10.11
N SER A 413 3.60 9.70 10.64
CA SER A 413 4.16 8.43 11.09
C SER A 413 3.78 8.16 12.55
N VAL A 414 4.00 6.91 12.97
CA VAL A 414 3.81 6.57 14.38
C VAL A 414 4.82 7.27 15.29
N LYS A 415 5.85 7.89 14.73
CA LYS A 415 6.82 8.64 15.51
C LYS A 415 6.57 10.16 15.42
N GLN A 416 5.41 10.56 14.94
CA GLN A 416 5.12 11.99 14.79
C GLN A 416 5.25 12.71 16.12
N ARG A 417 5.93 13.85 16.10
CA ARG A 417 6.06 14.72 17.26
C ARG A 417 5.62 16.12 16.84
N VAL A 418 4.80 16.77 17.66
CA VAL A 418 4.37 18.13 17.41
C VAL A 418 4.77 18.97 18.62
N VAL A 419 5.44 20.09 18.36
CA VAL A 419 5.65 21.13 19.37
C VAL A 419 5.03 22.41 18.83
N HIS A 420 4.60 23.27 19.75
CA HIS A 420 3.91 24.46 19.31
C HIS A 420 4.07 25.57 20.34
N GLY A 421 3.75 26.78 19.91
CA GLY A 421 3.91 27.96 20.74
C GLY A 421 3.59 29.20 19.92
N VAL A 422 4.34 30.28 20.16
CA VAL A 422 4.16 31.53 19.46
C VAL A 422 5.45 31.89 18.75
N LEU A 423 5.34 32.86 17.84
CA LEU A 423 6.44 33.15 16.92
C LEU A 423 7.73 33.49 17.65
N THR A 424 7.64 34.18 18.79
CA THR A 424 8.85 34.49 19.55
C THR A 424 9.50 33.25 20.16
N GLN A 425 8.88 32.08 20.05
CA GLN A 425 9.48 30.84 20.53
C GLN A 425 10.02 29.96 19.40
N LEU A 426 9.93 30.42 18.14
CA LEU A 426 10.18 29.54 17.01
C LEU A 426 11.60 28.99 17.03
N GLY A 427 12.60 29.88 17.19
CA GLY A 427 13.96 29.42 17.23
C GLY A 427 14.19 28.38 18.32
N GLU A 428 13.61 28.60 19.50
CA GLU A 428 13.79 27.66 20.61
C GLU A 428 13.01 26.37 20.36
N LEU A 429 11.77 26.48 19.87
CA LEU A 429 10.98 25.28 19.56
C LEU A 429 11.69 24.38 18.55
N ALA A 430 12.42 24.98 17.62
CA ALA A 430 13.06 24.18 16.56
C ALA A 430 14.20 23.32 17.09
N GLN A 431 14.81 23.69 18.21
CA GLN A 431 15.86 22.86 18.79
C GLN A 431 15.31 21.65 19.52
N GLN A 432 13.99 21.50 19.61
CA GLN A 432 13.37 20.34 20.24
C GLN A 432 12.98 19.27 19.24
N VAL A 433 13.18 19.50 17.95
CA VAL A 433 12.85 18.52 16.91
C VAL A 433 14.02 18.44 15.95
N GLU A 434 13.96 17.43 15.07
CA GLU A 434 14.97 17.22 14.03
C GLU A 434 14.26 16.91 12.71
N SER A 435 15.06 16.91 11.64
CA SER A 435 14.53 16.61 10.32
C SER A 435 13.98 15.18 10.28
N PRO A 436 12.98 14.91 9.42
CA PRO A 436 12.27 15.92 8.63
C PRO A 436 11.21 16.63 9.47
N ALA A 437 11.22 17.97 9.45
CA ALA A 437 10.21 18.72 10.16
C ALA A 437 9.67 19.84 9.29
N LEU A 438 8.40 20.16 9.52
CA LEU A 438 7.71 21.26 8.85
C LEU A 438 7.47 22.35 9.88
N ILE A 439 7.59 23.61 9.46
CA ILE A 439 7.22 24.73 10.31
C ILE A 439 5.93 25.32 9.75
N ILE A 440 4.90 25.39 10.60
CA ILE A 440 3.63 26.01 10.24
C ILE A 440 3.47 27.28 11.06
N VAL A 441 3.19 28.40 10.38
CA VAL A 441 2.95 29.68 11.03
C VAL A 441 1.58 30.19 10.60
N GLY A 442 0.73 30.49 11.57
CA GLY A 442 -0.57 31.06 11.25
C GLY A 442 -1.57 30.83 12.35
N ARG A 443 -2.63 31.63 12.30
CA ARG A 443 -3.68 31.51 13.29
C ARG A 443 -4.32 30.13 13.29
N VAL A 444 -4.24 29.38 12.19
CA VAL A 444 -4.87 28.06 12.18
C VAL A 444 -4.21 27.12 13.19
N VAL A 445 -2.98 27.43 13.64
CA VAL A 445 -2.32 26.54 14.59
C VAL A 445 -3.14 26.42 15.86
N ALA A 446 -3.89 27.45 16.22
CA ALA A 446 -4.68 27.37 17.44
C ALA A 446 -5.81 26.35 17.33
N LEU A 447 -6.18 25.93 16.12
CA LEU A 447 -7.26 24.97 16.01
C LEU A 447 -6.86 23.55 16.43
N ARG A 448 -5.57 23.30 16.65
CA ARG A 448 -5.12 21.97 17.03
C ARG A 448 -5.84 21.44 18.28
N ASP A 449 -6.13 22.32 19.24
CA ASP A 449 -6.73 21.85 20.49
C ASP A 449 -8.10 21.24 20.29
N LYS A 450 -8.83 21.62 19.24
CA LYS A 450 -10.16 21.06 18.99
C LYS A 450 -10.19 20.03 17.86
N LEU A 451 -9.19 20.03 16.98
CA LEU A 451 -9.20 19.16 15.81
C LEU A 451 -8.16 18.04 15.86
N ASN A 452 -7.33 17.98 16.90
CA ASN A 452 -6.29 16.95 16.94
C ASN A 452 -6.89 15.59 17.29
N TRP A 453 -6.80 14.65 16.36
CA TRP A 453 -7.33 13.31 16.54
C TRP A 453 -6.26 12.21 16.53
N PHE A 454 -5.03 12.52 16.13
CA PHE A 454 -4.06 11.47 15.86
C PHE A 454 -3.38 11.00 17.15
N SER A 455 -2.71 11.89 17.85
CA SER A 455 -1.97 11.56 19.07
C SER A 455 -1.33 12.84 19.60
N ASN A 456 -0.79 12.74 20.81
CA ASN A 456 0.19 13.70 21.31
C ASN A 456 1.51 12.99 21.56
N HIS A 457 1.86 12.09 20.63
CA HIS A 457 3.12 11.34 20.62
C HIS A 457 3.27 10.38 21.80
N MET B 1 -7.30 -29.40 -6.61
CA MET B 1 -6.23 -28.83 -5.80
C MET B 1 -4.85 -29.36 -6.22
N ASP B 2 -4.10 -28.56 -6.97
CA ASP B 2 -2.79 -29.00 -7.44
C ASP B 2 -1.70 -28.88 -6.38
N HIS B 3 -1.86 -27.97 -5.42
CA HIS B 3 -0.86 -27.77 -4.38
C HIS B 3 -1.58 -27.57 -3.06
N LEU B 4 -0.94 -27.93 -1.96
CA LEU B 4 -1.52 -27.68 -0.64
C LEU B 4 -0.82 -26.50 -0.01
N PRO B 5 -1.50 -25.40 0.25
CA PRO B 5 -0.83 -24.29 0.94
C PRO B 5 -0.68 -24.60 2.42
N ILE B 6 0.54 -24.41 2.93
CA ILE B 6 0.81 -24.52 4.36
C ILE B 6 1.61 -23.31 4.77
N PHE B 7 1.44 -22.89 6.02
CA PHE B 7 2.13 -21.72 6.55
C PHE B 7 3.22 -22.25 7.49
N CYS B 8 4.49 -22.21 7.05
CA CYS B 8 5.58 -22.82 7.80
C CYS B 8 6.15 -21.89 8.86
N GLN B 9 6.47 -22.45 10.02
CA GLN B 9 7.22 -21.74 11.04
C GLN B 9 8.70 -22.00 10.79
N LEU B 10 9.42 -20.99 10.29
CA LEU B 10 10.80 -21.19 9.90
C LEU B 10 11.81 -20.70 10.93
N ARG B 11 11.35 -20.17 12.06
CA ARG B 11 12.31 -19.49 12.93
C ARG B 11 13.31 -20.47 13.52
N ASP B 12 14.60 -20.15 13.32
CA ASP B 12 15.74 -20.98 13.71
C ASP B 12 15.75 -22.35 13.04
N ARG B 13 15.06 -22.53 11.91
CA ARG B 13 15.18 -23.77 11.15
C ARG B 13 16.17 -23.58 10.01
N ASP B 14 17.04 -24.57 9.82
CA ASP B 14 18.03 -24.49 8.75
C ASP B 14 17.34 -24.55 7.40
N CYS B 15 17.73 -23.64 6.50
CA CYS B 15 17.27 -23.61 5.12
C CYS B 15 18.47 -23.32 4.23
N LEU B 16 18.40 -23.78 2.97
CA LEU B 16 19.51 -23.63 2.04
C LEU B 16 19.04 -22.92 0.78
N ILE B 17 19.74 -21.87 0.40
CA ILE B 17 19.60 -21.26 -0.91
C ILE B 17 20.88 -21.55 -1.69
N VAL B 18 20.72 -22.06 -2.90
CA VAL B 18 21.83 -22.23 -3.84
C VAL B 18 21.70 -21.16 -4.93
N GLY B 19 22.75 -20.37 -5.10
CA GLY B 19 22.76 -19.22 -5.98
C GLY B 19 23.07 -17.97 -5.18
N GLY B 20 23.58 -16.94 -5.84
CA GLY B 20 24.08 -15.77 -5.13
C GLY B 20 23.91 -14.48 -5.91
N GLY B 21 22.98 -14.48 -6.85
CA GLY B 21 22.66 -13.29 -7.62
C GLY B 21 21.45 -12.56 -7.07
N ASP B 22 20.85 -11.72 -7.92
CA ASP B 22 19.69 -10.94 -7.53
C ASP B 22 18.53 -11.83 -7.11
N VAL B 23 18.28 -12.91 -7.87
CA VAL B 23 17.15 -13.78 -7.56
C VAL B 23 17.34 -14.41 -6.20
N ALA B 24 18.53 -14.99 -5.97
CA ALA B 24 18.82 -15.58 -4.66
C ALA B 24 18.75 -14.54 -3.55
N GLU B 25 19.09 -13.28 -3.84
CA GLU B 25 19.03 -12.24 -2.82
C GLU B 25 17.58 -11.96 -2.39
N ARG B 26 16.66 -11.96 -3.36
CA ARG B 26 15.25 -11.75 -3.03
C ARG B 26 14.69 -12.89 -2.19
N LYS B 27 14.98 -14.13 -2.57
CA LYS B 27 14.52 -15.27 -1.79
C LYS B 27 15.15 -15.27 -0.40
N ALA B 28 16.42 -14.88 -0.31
CA ALA B 28 17.10 -14.87 0.98
C ALA B 28 16.49 -13.83 1.92
N ARG B 29 16.11 -12.68 1.37
CA ARG B 29 15.47 -11.65 2.18
C ARG B 29 14.14 -12.14 2.73
N LEU B 30 13.37 -12.85 1.90
CA LEU B 30 12.10 -13.41 2.35
C LEU B 30 12.31 -14.39 3.49
N LEU B 31 13.26 -15.32 3.33
CA LEU B 31 13.49 -16.32 4.37
C LEU B 31 14.08 -15.69 5.64
N LEU B 32 14.96 -14.69 5.49
CA LEU B 32 15.42 -13.92 6.65
C LEU B 32 14.25 -13.27 7.38
N GLU B 33 13.35 -12.62 6.64
CA GLU B 33 12.15 -12.04 7.25
C GLU B 33 11.36 -13.09 8.03
N ALA B 34 11.31 -14.32 7.54
CA ALA B 34 10.62 -15.41 8.24
C ALA B 34 11.44 -15.97 9.40
N GLY B 35 12.65 -15.46 9.63
CA GLY B 35 13.48 -15.93 10.71
C GLY B 35 14.27 -17.19 10.44
N ALA B 36 14.42 -17.59 9.17
CA ALA B 36 15.13 -18.83 8.87
C ALA B 36 16.59 -18.74 9.27
N ARG B 37 17.17 -19.88 9.64
CA ARG B 37 18.62 -19.98 9.84
C ARG B 37 19.22 -20.37 8.50
N LEU B 38 19.80 -19.40 7.82
CA LEU B 38 20.01 -19.49 6.39
C LEU B 38 21.48 -19.70 6.06
N THR B 39 21.73 -20.71 5.21
CA THR B 39 23.00 -20.87 4.51
C THR B 39 22.78 -20.58 3.04
N VAL B 40 23.74 -19.90 2.41
CA VAL B 40 23.68 -19.59 0.99
C VAL B 40 24.94 -20.14 0.33
N ASN B 41 24.77 -20.97 -0.69
CA ASN B 41 25.87 -21.66 -1.35
C ASN B 41 25.88 -21.23 -2.82
N ALA B 42 27.00 -20.64 -3.25
CA ALA B 42 27.07 -20.11 -4.61
C ALA B 42 28.51 -20.03 -5.03
N LEU B 43 28.73 -19.97 -6.35
CA LEU B 43 30.09 -19.78 -6.85
C LEU B 43 30.59 -18.37 -6.59
N THR B 44 29.69 -17.39 -6.61
CA THR B 44 30.03 -16.01 -6.28
C THR B 44 28.79 -15.37 -5.69
N PHE B 45 28.99 -14.33 -4.88
CA PHE B 45 27.90 -13.61 -4.23
C PHE B 45 27.91 -12.15 -4.63
N ILE B 46 26.72 -11.57 -4.77
CA ILE B 46 26.61 -10.13 -4.97
C ILE B 46 26.81 -9.44 -3.62
N PRO B 47 27.13 -8.14 -3.58
CA PRO B 47 27.57 -7.53 -2.31
C PRO B 47 26.59 -7.65 -1.14
N GLN B 48 25.27 -7.65 -1.40
CA GLN B 48 24.30 -7.78 -0.32
C GLN B 48 24.53 -9.03 0.53
N PHE B 49 25.05 -10.11 -0.07
CA PHE B 49 25.26 -11.32 0.70
C PHE B 49 26.44 -11.19 1.67
N THR B 50 27.56 -10.63 1.20
CA THR B 50 28.69 -10.42 2.08
C THR B 50 28.34 -9.46 3.22
N VAL B 51 27.46 -8.48 2.96
CA VAL B 51 26.99 -7.60 4.03
C VAL B 51 26.29 -8.42 5.10
N TRP B 52 25.30 -9.21 4.70
CA TRP B 52 24.59 -10.05 5.66
C TRP B 52 25.53 -11.01 6.40
N ALA B 53 26.56 -11.52 5.72
CA ALA B 53 27.47 -12.47 6.34
C ALA B 53 28.27 -11.83 7.47
N ASN B 54 28.83 -10.64 7.23
CA ASN B 54 29.60 -9.97 8.28
C ASN B 54 28.70 -9.52 9.43
N GLU B 55 27.45 -9.17 9.13
CA GLU B 55 26.44 -8.90 10.15
C GLU B 55 25.89 -10.16 10.79
N GLY B 56 26.45 -11.32 10.46
CA GLY B 56 26.06 -12.58 11.07
C GLY B 56 24.61 -12.98 10.87
N MET B 57 23.94 -12.45 9.85
CA MET B 57 22.54 -12.78 9.59
C MET B 57 22.34 -14.07 8.80
N LEU B 58 23.41 -14.64 8.25
CA LEU B 58 23.35 -15.88 7.50
C LEU B 58 24.77 -16.43 7.38
N THR B 59 24.88 -17.60 6.76
CA THR B 59 26.16 -18.23 6.48
C THR B 59 26.35 -18.36 4.97
N LEU B 60 27.54 -18.01 4.50
CA LEU B 60 27.91 -18.10 3.09
C LEU B 60 28.87 -19.27 2.87
N VAL B 61 28.65 -20.04 1.81
CA VAL B 61 29.57 -21.12 1.43
C VAL B 61 29.89 -20.90 -0.03
N GLU B 62 31.12 -20.49 -0.31
CA GLU B 62 31.53 -20.18 -1.68
C GLU B 62 32.10 -21.45 -2.31
N GLY B 63 31.56 -21.82 -3.46
CA GLY B 63 32.01 -23.00 -4.15
C GLY B 63 30.84 -23.72 -4.79
N PRO B 64 31.14 -24.82 -5.49
CA PRO B 64 30.09 -25.56 -6.19
C PRO B 64 29.08 -26.14 -5.21
N PHE B 65 27.93 -26.54 -5.74
CA PHE B 65 26.88 -27.07 -4.89
C PHE B 65 27.37 -28.32 -4.15
N ASP B 66 27.22 -28.29 -2.83
CA ASP B 66 27.62 -29.36 -1.91
C ASP B 66 26.33 -29.91 -1.30
N GLU B 67 25.90 -31.08 -1.77
CA GLU B 67 24.64 -31.66 -1.34
C GLU B 67 24.59 -31.93 0.16
N THR B 68 25.74 -32.05 0.82
CA THR B 68 25.70 -32.30 2.26
C THR B 68 25.31 -31.05 3.05
N LEU B 69 25.30 -29.88 2.41
CA LEU B 69 24.72 -28.71 3.04
C LEU B 69 23.22 -28.87 3.31
N LEU B 70 22.57 -29.83 2.64
CA LEU B 70 21.16 -30.11 2.90
C LEU B 70 20.90 -30.96 4.14
N ASP B 71 21.93 -31.44 4.82
CA ASP B 71 21.73 -32.60 5.69
C ASP B 71 20.84 -32.31 6.90
N SER B 72 20.78 -31.07 7.37
CA SER B 72 19.84 -30.74 8.45
C SER B 72 18.83 -29.68 8.02
N CYS B 73 18.52 -29.67 6.74
N CYS B 73 18.56 -29.57 6.72
CA CYS B 73 17.69 -28.65 6.12
CA CYS B 73 17.73 -28.49 6.21
C CYS B 73 16.20 -28.95 6.30
C CYS B 73 16.25 -28.87 6.11
N TRP B 74 15.40 -27.88 6.36
CA TRP B 74 13.94 -27.99 6.25
C TRP B 74 13.39 -27.51 4.92
N LEU B 75 14.08 -26.60 4.24
CA LEU B 75 13.65 -26.05 2.97
C LEU B 75 14.88 -25.77 2.12
N ALA B 76 14.76 -26.01 0.83
CA ALA B 76 15.83 -25.73 -0.12
C ALA B 76 15.28 -24.88 -1.25
N ILE B 77 16.06 -23.91 -1.71
CA ILE B 77 15.67 -23.12 -2.87
C ILE B 77 16.83 -23.10 -3.86
N ALA B 78 16.56 -23.50 -5.10
CA ALA B 78 17.55 -23.46 -6.18
C ALA B 78 17.29 -22.17 -6.97
N ALA B 79 18.17 -21.19 -6.79
CA ALA B 79 18.02 -19.86 -7.39
C ALA B 79 19.19 -19.52 -8.31
N THR B 80 19.69 -20.48 -9.09
CA THR B 80 20.73 -20.17 -10.06
C THR B 80 20.16 -20.08 -11.47
N ASP B 81 21.01 -19.59 -12.38
CA ASP B 81 20.78 -19.51 -13.81
C ASP B 81 21.08 -20.81 -14.54
N ASP B 82 21.56 -21.81 -13.81
CA ASP B 82 22.16 -23.00 -14.40
C ASP B 82 21.21 -24.17 -14.17
N ASP B 83 20.53 -24.59 -15.24
CA ASP B 83 19.53 -25.64 -15.12
C ASP B 83 20.12 -26.91 -14.55
N THR B 84 21.39 -27.21 -14.89
CA THR B 84 22.03 -28.43 -14.41
C THR B 84 22.28 -28.36 -12.91
N VAL B 85 22.71 -27.20 -12.40
CA VAL B 85 22.87 -27.07 -10.96
C VAL B 85 21.51 -27.14 -10.27
N ASN B 86 20.49 -26.47 -10.82
CA ASN B 86 19.18 -26.49 -10.16
C ASN B 86 18.65 -27.91 -10.07
N GLN B 87 18.85 -28.70 -11.12
CA GLN B 87 18.41 -30.09 -11.12
C GLN B 87 19.19 -30.91 -10.10
N ARG B 88 20.49 -30.64 -9.93
CA ARG B 88 21.26 -31.34 -8.88
C ARG B 88 20.71 -31.01 -7.50
N VAL B 89 20.36 -29.73 -7.28
CA VAL B 89 19.79 -29.33 -6.00
C VAL B 89 18.45 -30.00 -5.78
N SER B 90 17.55 -29.90 -6.77
N SER B 90 17.55 -29.92 -6.77
CA SER B 90 16.22 -30.48 -6.61
CA SER B 90 16.21 -30.47 -6.55
C SER B 90 16.28 -31.98 -6.37
C SER B 90 16.23 -31.99 -6.41
N ASP B 91 17.14 -32.68 -7.12
CA ASP B 91 17.26 -34.13 -6.92
C ASP B 91 17.77 -34.45 -5.53
N ALA B 92 18.74 -33.68 -5.02
CA ALA B 92 19.29 -33.95 -3.70
C ALA B 92 18.27 -33.69 -2.60
N ALA B 93 17.47 -32.63 -2.74
CA ALA B 93 16.39 -32.35 -1.79
C ALA B 93 15.34 -33.45 -1.82
N GLU B 94 14.95 -33.90 -3.00
CA GLU B 94 13.91 -34.91 -3.13
C GLU B 94 14.30 -36.21 -2.42
N SER B 95 15.56 -36.63 -2.57
CA SER B 95 15.99 -37.86 -1.88
C SER B 95 15.99 -37.71 -0.36
N ARG B 96 16.10 -36.49 0.16
CA ARG B 96 16.06 -36.27 1.61
C ARG B 96 14.69 -35.83 2.11
N ARG B 97 13.69 -35.76 1.23
CA ARG B 97 12.33 -35.34 1.59
C ARG B 97 12.34 -33.91 2.15
N ILE B 98 13.14 -33.04 1.53
CA ILE B 98 13.16 -31.61 1.84
C ILE B 98 12.38 -30.87 0.75
N PHE B 99 11.33 -30.15 1.16
CA PHE B 99 10.58 -29.35 0.21
C PHE B 99 11.51 -28.37 -0.48
N CYS B 100 11.45 -28.36 -1.80
CA CYS B 100 12.40 -27.62 -2.61
C CYS B 100 11.68 -26.83 -3.69
N ASN B 101 12.14 -25.61 -3.94
CA ASN B 101 11.59 -24.74 -4.97
C ASN B 101 12.70 -24.43 -5.97
N VAL B 102 12.41 -24.54 -7.25
CA VAL B 102 13.31 -24.06 -8.29
C VAL B 102 12.70 -22.78 -8.84
N VAL B 103 13.38 -21.64 -8.64
CA VAL B 103 12.75 -20.35 -8.93
C VAL B 103 12.33 -20.26 -10.39
N ASP B 104 13.18 -20.71 -11.32
CA ASP B 104 12.86 -20.52 -12.72
C ASP B 104 12.08 -21.68 -13.32
N ALA B 105 11.63 -22.64 -12.49
CA ALA B 105 10.88 -23.80 -12.99
C ALA B 105 9.90 -24.25 -11.90
N PRO B 106 8.86 -23.46 -11.65
CA PRO B 106 7.96 -23.74 -10.51
C PRO B 106 7.38 -25.15 -10.47
N LYS B 107 7.14 -25.78 -11.62
CA LYS B 107 6.62 -27.14 -11.63
C LYS B 107 7.71 -28.21 -11.55
N ALA B 108 8.99 -27.82 -11.43
CA ALA B 108 10.07 -28.81 -11.40
C ALA B 108 10.18 -29.52 -10.06
N ALA B 109 10.09 -28.79 -8.94
CA ALA B 109 10.31 -29.45 -7.67
C ALA B 109 9.06 -29.39 -6.78
N SER B 110 9.22 -29.34 -5.45
CA SER B 110 8.14 -29.81 -4.59
C SER B 110 7.33 -28.71 -3.91
N PHE B 111 7.75 -27.44 -3.99
CA PHE B 111 6.86 -26.36 -3.55
C PHE B 111 7.04 -25.13 -4.42
N ILE B 112 6.02 -24.29 -4.40
CA ILE B 112 5.95 -23.04 -5.14
C ILE B 112 5.84 -21.90 -4.12
N MET B 113 6.55 -20.81 -4.38
N MET B 113 6.50 -20.79 -4.40
CA MET B 113 6.47 -19.64 -3.51
CA MET B 113 6.47 -19.65 -3.49
C MET B 113 5.33 -18.74 -3.99
C MET B 113 5.37 -18.69 -3.95
N PRO B 114 4.29 -18.54 -3.19
CA PRO B 114 3.16 -17.71 -3.64
C PRO B 114 3.48 -16.23 -3.49
N SER B 115 2.59 -15.39 -4.02
N SER B 115 2.59 -15.39 -4.07
CA SER B 115 2.62 -13.97 -3.70
CA SER B 115 2.56 -13.99 -3.68
C SER B 115 2.02 -13.77 -2.32
C SER B 115 2.11 -13.89 -2.24
N ILE B 116 2.71 -12.98 -1.48
CA ILE B 116 2.44 -12.90 -0.05
C ILE B 116 1.97 -11.50 0.32
N ILE B 117 0.89 -11.42 1.09
CA ILE B 117 0.48 -10.17 1.73
C ILE B 117 0.67 -10.36 3.22
N ASP B 118 1.63 -9.63 3.77
CA ASP B 118 2.07 -9.82 5.15
C ASP B 118 1.41 -8.76 6.02
N ARG B 119 0.56 -9.20 6.93
CA ARG B 119 0.00 -8.39 8.00
C ARG B 119 0.14 -9.12 9.33
N SER B 120 1.32 -9.76 9.55
CA SER B 120 1.57 -10.72 10.62
C SER B 120 0.89 -10.27 11.91
N PRO B 121 0.15 -11.15 12.59
CA PRO B 121 0.10 -12.59 12.32
C PRO B 121 -0.88 -12.98 11.22
N LEU B 122 -1.62 -12.02 10.68
CA LEU B 122 -2.49 -12.31 9.56
C LEU B 122 -1.65 -12.39 8.29
N MET B 123 -1.83 -13.44 7.51
N MET B 123 -1.83 -13.45 7.52
CA MET B 123 -1.10 -13.57 6.26
CA MET B 123 -1.10 -13.61 6.26
C MET B 123 -2.03 -14.10 5.18
C MET B 123 -2.06 -14.08 5.18
N VAL B 124 -1.86 -13.58 3.96
CA VAL B 124 -2.60 -14.01 2.79
C VAL B 124 -1.59 -14.42 1.73
N ALA B 125 -1.88 -15.52 1.04
CA ALA B 125 -0.97 -16.03 0.02
C ALA B 125 -1.79 -16.38 -1.22
N VAL B 126 -1.25 -16.00 -2.38
CA VAL B 126 -1.91 -16.21 -3.65
C VAL B 126 -0.96 -16.94 -4.59
N SER B 127 -1.44 -18.02 -5.20
CA SER B 127 -0.67 -18.71 -6.22
C SER B 127 -1.62 -19.34 -7.21
N ALA B 128 -1.18 -19.47 -8.47
CA ALA B 128 -1.92 -20.26 -9.45
C ALA B 128 -1.07 -21.43 -9.97
N GLY B 129 -0.19 -21.95 -9.12
CA GLY B 129 0.57 -23.13 -9.48
C GLY B 129 1.57 -22.92 -10.60
N GLY B 130 2.15 -21.73 -10.72
CA GLY B 130 3.02 -21.42 -11.84
C GLY B 130 2.31 -21.12 -13.15
N THR B 131 0.99 -21.34 -13.26
CA THR B 131 0.30 -21.04 -14.51
C THR B 131 0.21 -19.54 -14.77
N SER B 132 0.12 -18.73 -13.72
CA SER B 132 -0.32 -17.34 -13.92
C SER B 132 0.30 -16.37 -12.94
N PRO B 133 1.63 -16.22 -12.94
CA PRO B 133 2.24 -15.32 -11.94
C PRO B 133 1.82 -13.86 -12.10
N VAL B 134 1.52 -13.39 -13.32
CA VAL B 134 1.02 -12.03 -13.47
C VAL B 134 -0.35 -11.88 -12.83
N LEU B 135 -1.21 -12.89 -12.92
CA LEU B 135 -2.49 -12.85 -12.22
C LEU B 135 -2.28 -12.81 -10.71
N ALA B 136 -1.34 -13.62 -10.19
CA ALA B 136 -1.07 -13.60 -8.76
C ALA B 136 -0.61 -12.22 -8.31
N ARG B 137 0.20 -11.55 -9.14
CA ARG B 137 0.60 -10.17 -8.85
C ARG B 137 -0.59 -9.21 -8.87
N LEU B 138 -1.45 -9.31 -9.88
CA LEU B 138 -2.64 -8.45 -9.95
C LEU B 138 -3.52 -8.63 -8.73
N LEU B 139 -3.65 -9.86 -8.25
CA LEU B 139 -4.46 -10.07 -7.05
C LEU B 139 -3.74 -9.53 -5.82
N ARG B 140 -2.43 -9.80 -5.70
CA ARG B 140 -1.66 -9.29 -4.56
C ARG B 140 -1.80 -7.78 -4.46
N GLU B 141 -1.60 -7.09 -5.59
N GLU B 141 -1.67 -7.09 -5.59
CA GLU B 141 -1.86 -5.65 -5.73
CA GLU B 141 -1.84 -5.63 -5.63
C GLU B 141 -3.18 -5.22 -5.10
C GLU B 141 -3.20 -5.21 -5.07
N LYS B 142 -4.27 -5.86 -5.54
CA LYS B 142 -5.61 -5.56 -5.03
C LYS B 142 -5.68 -5.75 -3.51
N LEU B 143 -5.16 -6.88 -3.03
CA LEU B 143 -5.23 -7.19 -1.62
C LEU B 143 -4.40 -6.21 -0.80
N GLU B 144 -3.25 -5.79 -1.33
CA GLU B 144 -2.43 -4.82 -0.62
C GLU B 144 -3.21 -3.53 -0.38
N SER B 145 -3.97 -3.06 -1.38
CA SER B 145 -4.72 -1.84 -1.23
C SER B 145 -5.89 -1.98 -0.26
N LEU B 146 -6.38 -3.19 -0.04
CA LEU B 146 -7.57 -3.44 0.75
C LEU B 146 -7.29 -3.69 2.21
N LEU B 147 -6.12 -4.27 2.54
CA LEU B 147 -5.83 -4.67 3.90
C LEU B 147 -5.06 -3.55 4.58
N PRO B 148 -5.63 -2.90 5.61
CA PRO B 148 -4.92 -1.82 6.30
C PRO B 148 -3.56 -2.26 6.81
N GLN B 149 -2.60 -1.34 6.78
CA GLN B 149 -1.21 -1.71 7.08
C GLN B 149 -1.04 -2.21 8.51
N HIS B 150 -1.90 -1.80 9.43
CA HIS B 150 -1.75 -2.17 10.84
C HIS B 150 -2.74 -3.23 11.28
N LEU B 151 -3.35 -3.96 10.34
CA LEU B 151 -4.34 -4.96 10.71
C LEU B 151 -3.73 -6.05 11.59
N GLY B 152 -2.43 -6.32 11.45
CA GLY B 152 -1.80 -7.36 12.25
C GLY B 152 -1.84 -7.06 13.73
N GLN B 153 -1.56 -5.81 14.11
CA GLN B 153 -1.63 -5.44 15.51
C GLN B 153 -3.05 -5.59 16.05
N VAL B 154 -4.05 -5.25 15.25
CA VAL B 154 -5.43 -5.46 15.66
C VAL B 154 -5.69 -6.94 15.87
N ALA B 155 -5.14 -7.79 15.00
CA ALA B 155 -5.40 -9.23 15.10
C ALA B 155 -4.79 -9.79 16.39
N ARG B 156 -3.55 -9.38 16.72
CA ARG B 156 -2.97 -9.78 18.01
C ARG B 156 -3.83 -9.35 19.18
N TYR B 157 -4.27 -8.09 19.18
CA TYR B 157 -5.08 -7.61 20.29
C TYR B 157 -6.41 -8.36 20.37
N ALA B 158 -6.99 -8.71 19.22
CA ALA B 158 -8.21 -9.50 19.19
C ALA B 158 -8.02 -10.83 19.90
N GLY B 159 -6.88 -11.48 19.69
CA GLY B 159 -6.61 -12.72 20.40
C GLY B 159 -6.65 -12.57 21.90
N GLN B 160 -6.17 -11.43 22.42
CA GLN B 160 -6.14 -11.24 23.86
C GLN B 160 -7.51 -10.94 24.44
N LEU B 161 -8.45 -10.47 23.63
CA LEU B 161 -9.79 -10.14 24.09
C LEU B 161 -10.80 -11.26 23.89
N ARG B 162 -10.39 -12.40 23.33
CA ARG B 162 -11.33 -13.46 22.98
C ARG B 162 -12.18 -13.88 24.18
N ALA B 163 -11.53 -14.17 25.30
CA ALA B 163 -12.27 -14.62 26.48
C ALA B 163 -13.26 -13.56 26.94
N ARG B 164 -12.86 -12.29 26.91
CA ARG B 164 -13.77 -11.24 27.33
C ARG B 164 -14.96 -11.14 26.38
N VAL B 165 -14.71 -11.28 25.08
CA VAL B 165 -15.78 -11.16 24.09
C VAL B 165 -16.84 -12.24 24.31
N LYS B 166 -16.39 -13.50 24.50
CA LYS B 166 -17.37 -14.57 24.59
C LYS B 166 -18.18 -14.51 25.88
N LYS B 167 -17.58 -14.06 26.98
CA LYS B 167 -18.35 -13.96 28.22
C LYS B 167 -19.34 -12.81 28.14
N GLN B 168 -18.97 -11.72 27.45
CA GLN B 168 -19.90 -10.61 27.33
C GLN B 168 -20.99 -10.90 26.32
N PHE B 169 -20.64 -11.49 25.18
CA PHE B 169 -21.58 -11.73 24.09
C PHE B 169 -21.90 -13.22 24.04
N ALA B 170 -23.14 -13.55 24.40
CA ALA B 170 -23.51 -14.94 24.65
C ALA B 170 -23.50 -15.77 23.36
N THR B 171 -23.91 -15.17 22.24
CA THR B 171 -24.16 -15.92 21.01
C THR B 171 -23.08 -15.68 19.96
N MET B 172 -22.89 -16.69 19.11
CA MET B 172 -21.95 -16.57 18.00
C MET B 172 -22.34 -15.41 17.08
N GLY B 173 -23.63 -15.20 16.87
CA GLY B 173 -24.06 -14.09 16.02
C GLY B 173 -23.68 -12.75 16.60
N GLU B 174 -23.93 -12.56 17.90
CA GLU B 174 -23.54 -11.32 18.56
C GLU B 174 -22.03 -11.14 18.58
N ARG B 175 -21.29 -12.23 18.84
CA ARG B 175 -19.84 -12.17 18.74
C ARG B 175 -19.42 -11.70 17.37
N ARG B 176 -20.01 -12.27 16.33
CA ARG B 176 -19.57 -11.96 14.97
C ARG B 176 -19.73 -10.47 14.69
N ARG B 177 -20.89 -9.90 15.04
CA ARG B 177 -21.13 -8.48 14.83
C ARG B 177 -20.16 -7.63 15.63
N PHE B 178 -19.75 -8.10 16.83
CA PHE B 178 -18.75 -7.36 17.60
C PHE B 178 -17.41 -7.32 16.87
N TRP B 179 -16.91 -8.50 16.48
CA TRP B 179 -15.66 -8.59 15.75
C TRP B 179 -15.67 -7.75 14.49
N GLU B 180 -16.81 -7.72 13.80
CA GLU B 180 -16.92 -6.96 12.55
C GLU B 180 -16.69 -5.47 12.79
N LYS B 181 -17.25 -4.91 13.86
CA LYS B 181 -16.94 -3.52 14.14
C LYS B 181 -15.58 -3.34 14.82
N PHE B 182 -15.09 -4.37 15.50
CA PHE B 182 -13.78 -4.32 16.14
C PHE B 182 -12.67 -4.21 15.10
N PHE B 183 -12.74 -5.02 14.06
CA PHE B 183 -11.66 -5.06 13.07
C PHE B 183 -11.68 -3.86 12.12
N VAL B 184 -12.71 -3.02 12.17
CA VAL B 184 -12.73 -1.81 11.35
C VAL B 184 -12.63 -0.56 12.19
N ASN B 185 -12.54 -0.68 13.52
CA ASN B 185 -12.47 0.51 14.36
C ASN B 185 -11.15 1.26 14.14
N ASP B 186 -11.23 2.51 13.69
CA ASP B 186 -10.03 3.23 13.27
C ASP B 186 -9.18 3.68 14.44
N ARG B 187 -9.80 4.23 15.48
CA ARG B 187 -9.06 4.69 16.65
C ARG B 187 -8.36 3.54 17.36
N LEU B 188 -8.97 2.36 17.36
CA LEU B 188 -8.28 1.19 17.89
C LEU B 188 -7.03 0.89 17.08
N ALA B 189 -7.16 0.78 15.75
CA ALA B 189 -5.98 0.46 14.94
C ALA B 189 -4.91 1.53 15.12
N GLN B 190 -5.31 2.79 15.16
CA GLN B 190 -4.28 3.83 15.27
C GLN B 190 -3.69 3.88 16.67
N SER B 191 -4.51 3.69 17.71
CA SER B 191 -3.96 3.67 19.06
C SER B 191 -2.98 2.51 19.25
N LEU B 192 -3.30 1.34 18.72
CA LEU B 192 -2.38 0.22 18.79
C LEU B 192 -1.06 0.54 18.07
N ALA B 193 -1.14 1.09 16.85
CA ALA B 193 0.07 1.39 16.11
C ALA B 193 0.90 2.50 16.78
N ASN B 194 0.25 3.44 17.44
CA ASN B 194 0.97 4.52 18.13
C ASN B 194 1.41 4.15 19.54
N ALA B 195 1.14 2.91 19.99
CA ALA B 195 1.42 2.48 21.36
C ALA B 195 0.79 3.39 22.40
N ASP B 196 -0.26 4.12 22.01
CA ASP B 196 -1.02 4.97 22.93
C ASP B 196 -1.89 4.06 23.79
N GLU B 197 -1.26 3.46 24.81
CA GLU B 197 -1.93 2.41 25.56
C GLU B 197 -3.16 2.93 26.31
N LYS B 198 -3.21 4.22 26.60
CA LYS B 198 -4.42 4.77 27.21
C LYS B 198 -5.55 4.86 26.19
N ALA B 199 -5.24 5.31 24.98
CA ALA B 199 -6.24 5.37 23.93
C ALA B 199 -6.78 3.98 23.58
N VAL B 200 -5.90 2.98 23.60
CA VAL B 200 -6.36 1.59 23.43
C VAL B 200 -7.42 1.25 24.46
N ASN B 201 -7.17 1.55 25.73
CA ASN B 201 -8.12 1.20 26.77
C ASN B 201 -9.43 1.97 26.61
N ALA B 202 -9.35 3.24 26.24
CA ALA B 202 -10.57 4.04 26.07
C ALA B 202 -11.42 3.50 24.92
N THR B 203 -10.79 3.25 23.76
CA THR B 203 -11.54 2.67 22.66
C THR B 203 -12.05 1.27 23.01
N THR B 204 -11.28 0.51 23.80
CA THR B 204 -11.66 -0.86 24.09
C THR B 204 -12.96 -0.94 24.90
N GLU B 205 -13.14 -0.03 25.85
CA GLU B 205 -14.36 -0.15 26.65
C GLU B 205 -15.53 0.63 26.04
N ARG B 206 -15.25 1.62 25.17
CA ARG B 206 -16.32 2.14 24.33
C ARG B 206 -16.88 1.05 23.41
N LEU B 207 -16.03 0.10 22.97
CA LEU B 207 -16.50 -0.99 22.14
C LEU B 207 -17.34 -1.99 22.94
N PHE B 208 -17.00 -2.24 24.20
CA PHE B 208 -17.79 -3.17 25.00
C PHE B 208 -19.02 -2.50 25.61
N SER B 209 -18.98 -1.19 25.82
CA SER B 209 -20.07 -0.49 26.51
C SER B 209 -21.15 0.00 25.56
N GLU B 210 -20.78 0.45 24.36
CA GLU B 210 -21.79 0.98 23.45
C GLU B 210 -22.71 -0.15 22.98
N PRO B 211 -23.91 0.17 22.52
CA PRO B 211 -24.80 -0.87 21.99
C PRO B 211 -24.12 -1.61 20.84
N LEU B 212 -24.37 -2.92 20.79
CA LEU B 212 -23.70 -3.78 19.82
C LEU B 212 -23.82 -3.23 18.40
N ASP B 213 -25.00 -2.75 18.02
CA ASP B 213 -25.23 -2.25 16.66
C ASP B 213 -24.73 -0.83 16.46
N HIS B 214 -24.21 -0.17 17.49
CA HIS B 214 -23.70 1.19 17.35
C HIS B 214 -22.20 1.14 17.02
N ARG B 215 -21.80 1.94 16.05
CA ARG B 215 -20.39 2.02 15.65
C ARG B 215 -20.08 3.43 15.15
N GLY B 216 -20.61 4.44 15.84
CA GLY B 216 -20.65 5.78 15.28
C GLY B 216 -19.28 6.45 15.22
N GLU B 217 -18.90 6.91 14.03
CA GLU B 217 -17.77 7.81 13.88
C GLU B 217 -17.89 8.52 12.54
N VAL B 218 -17.09 9.57 12.39
CA VAL B 218 -17.05 10.33 11.16
C VAL B 218 -15.62 10.35 10.68
N VAL B 219 -15.42 10.05 9.40
CA VAL B 219 -14.11 10.18 8.76
C VAL B 219 -14.24 11.17 7.63
N LEU B 220 -13.48 12.27 7.69
CA LEU B 220 -13.35 13.18 6.56
C LEU B 220 -12.31 12.63 5.58
N VAL B 221 -12.72 12.28 4.37
CA VAL B 221 -11.82 11.67 3.39
C VAL B 221 -11.62 12.60 2.20
N GLY B 222 -10.37 12.89 1.88
CA GLY B 222 -10.06 13.63 0.67
C GLY B 222 -10.18 12.76 -0.57
N ALA B 223 -11.09 13.09 -1.48
CA ALA B 223 -11.26 12.25 -2.66
C ALA B 223 -10.19 12.47 -3.72
N GLY B 224 -9.43 13.56 -3.62
CA GLY B 224 -8.54 13.93 -4.69
C GLY B 224 -9.32 14.66 -5.79
N PRO B 225 -8.61 15.13 -6.81
CA PRO B 225 -9.23 16.06 -7.75
C PRO B 225 -10.06 15.40 -8.85
N GLY B 226 -10.14 14.07 -8.92
CA GLY B 226 -11.01 13.49 -9.91
C GLY B 226 -10.63 12.09 -10.28
N ASP B 227 -9.37 11.90 -10.66
CA ASP B 227 -8.88 10.59 -11.07
C ASP B 227 -9.01 9.61 -9.91
N ALA B 228 -9.72 8.50 -10.14
CA ALA B 228 -9.98 7.56 -9.05
C ALA B 228 -8.70 6.93 -8.52
N GLY B 229 -7.67 6.82 -9.36
CA GLY B 229 -6.38 6.34 -8.89
C GLY B 229 -5.68 7.26 -7.91
N LEU B 230 -6.16 8.48 -7.74
CA LEU B 230 -5.54 9.43 -6.82
C LEU B 230 -6.17 9.40 -5.44
N LEU B 231 -7.12 8.49 -5.19
CA LEU B 231 -7.54 8.24 -3.83
C LEU B 231 -6.41 7.54 -3.08
N THR B 232 -6.28 7.81 -1.79
CA THR B 232 -5.30 7.09 -0.97
C THR B 232 -5.79 5.67 -0.63
N LEU B 233 -4.84 4.78 -0.29
CA LEU B 233 -5.22 3.45 0.21
C LEU B 233 -6.16 3.59 1.39
N LYS B 234 -5.81 4.45 2.35
CA LYS B 234 -6.65 4.62 3.52
C LYS B 234 -8.02 5.19 3.14
N GLY B 235 -8.07 6.13 2.20
CA GLY B 235 -9.37 6.63 1.76
C GLY B 235 -10.24 5.55 1.14
N LEU B 236 -9.64 4.71 0.30
CA LEU B 236 -10.39 3.57 -0.25
C LEU B 236 -10.86 2.63 0.86
N GLN B 237 -9.99 2.34 1.84
CA GLN B 237 -10.39 1.45 2.92
C GLN B 237 -11.55 2.02 3.72
N GLN B 238 -11.56 3.32 3.95
CA GLN B 238 -12.65 3.95 4.71
C GLN B 238 -13.94 3.94 3.92
N ILE B 239 -13.90 4.25 2.62
CA ILE B 239 -15.17 4.23 1.89
C ILE B 239 -15.66 2.80 1.67
N GLN B 240 -14.76 1.81 1.72
CA GLN B 240 -15.23 0.43 1.67
C GLN B 240 -15.89 -0.01 2.97
N GLN B 241 -15.71 0.71 4.06
CA GLN B 241 -16.30 0.32 5.34
C GLN B 241 -17.41 1.26 5.80
N ALA B 242 -17.80 2.23 4.98
CA ALA B 242 -18.80 3.21 5.38
C ALA B 242 -20.21 2.62 5.44
N ASP B 243 -20.98 3.00 6.47
CA ASP B 243 -22.42 2.80 6.43
C ASP B 243 -23.11 3.88 5.60
N ILE B 244 -22.53 5.09 5.59
CA ILE B 244 -23.13 6.27 4.97
C ILE B 244 -22.00 7.11 4.39
N VAL B 245 -22.17 7.54 3.14
CA VAL B 245 -21.21 8.41 2.46
C VAL B 245 -21.92 9.71 2.09
N VAL B 246 -21.40 10.82 2.58
CA VAL B 246 -21.92 12.16 2.34
C VAL B 246 -20.95 12.85 1.37
N TYR B 247 -21.42 13.21 0.19
CA TYR B 247 -20.54 13.70 -0.88
C TYR B 247 -21.21 14.85 -1.61
N ASP B 248 -20.44 15.56 -2.43
CA ASP B 248 -20.99 16.64 -3.24
C ASP B 248 -20.43 16.50 -4.67
N ARG B 249 -20.72 17.51 -5.50
CA ARG B 249 -20.46 17.44 -6.94
C ARG B 249 -18.97 17.35 -7.27
N LEU B 250 -18.09 17.88 -6.42
CA LEU B 250 -16.67 17.86 -6.76
C LEU B 250 -16.00 16.52 -6.45
N VAL B 251 -16.77 15.53 -6.00
CA VAL B 251 -16.29 14.15 -5.91
C VAL B 251 -16.68 13.45 -7.20
N SER B 252 -15.68 12.93 -7.92
CA SER B 252 -15.93 12.36 -9.23
C SER B 252 -16.80 11.11 -9.15
N ASP B 253 -17.55 10.86 -10.23
CA ASP B 253 -18.33 9.64 -10.34
C ASP B 253 -17.44 8.41 -10.24
N ASP B 254 -16.21 8.50 -10.76
CA ASP B 254 -15.28 7.37 -10.67
C ASP B 254 -14.96 7.01 -9.23
N ILE B 255 -14.78 8.03 -8.37
CA ILE B 255 -14.56 7.77 -6.95
C ILE B 255 -15.79 7.12 -6.34
N MET B 256 -16.97 7.65 -6.66
CA MET B 256 -18.20 7.14 -6.05
C MET B 256 -18.47 5.69 -6.43
N ASN B 257 -17.94 5.23 -7.56
CA ASN B 257 -18.07 3.81 -7.88
C ASN B 257 -17.24 2.92 -6.97
N LEU B 258 -16.31 3.47 -6.19
CA LEU B 258 -15.52 2.66 -5.26
C LEU B 258 -16.19 2.50 -3.91
N VAL B 259 -17.30 3.20 -3.72
CA VAL B 259 -18.01 3.18 -2.44
C VAL B 259 -18.70 1.83 -2.27
N ARG B 260 -18.63 1.28 -1.06
CA ARG B 260 -19.32 0.05 -0.71
C ARG B 260 -20.76 0.07 -1.22
N ARG B 261 -21.14 -0.99 -1.94
CA ARG B 261 -22.47 -1.05 -2.56
C ARG B 261 -23.59 -0.85 -1.53
N ALA B 262 -23.45 -1.41 -0.33
CA ALA B 262 -24.49 -1.36 0.69
C ALA B 262 -24.51 -0.05 1.48
N ALA B 263 -23.57 0.86 1.22
CA ALA B 263 -23.54 2.12 1.94
C ALA B 263 -24.68 3.03 1.47
N ASP B 264 -25.33 3.70 2.42
CA ASP B 264 -26.25 4.76 2.06
C ASP B 264 -25.46 5.96 1.53
N ARG B 265 -26.06 6.66 0.56
CA ARG B 265 -25.41 7.82 -0.06
C ARG B 265 -26.26 9.04 0.21
N VAL B 266 -25.61 10.13 0.62
CA VAL B 266 -26.30 11.40 0.86
C VAL B 266 -25.58 12.46 0.05
N PHE B 267 -26.26 13.01 -0.94
CA PHE B 267 -25.70 14.05 -1.81
C PHE B 267 -25.99 15.41 -1.21
N VAL B 268 -24.96 16.19 -0.92
CA VAL B 268 -25.12 17.52 -0.36
C VAL B 268 -24.57 18.60 -1.29
N GLY B 269 -24.17 18.21 -2.51
CA GLY B 269 -23.73 19.20 -3.47
C GLY B 269 -24.86 20.06 -4.00
N LYS B 270 -24.47 21.14 -4.66
CA LYS B 270 -25.43 22.10 -5.19
C LYS B 270 -25.94 21.59 -6.53
N ARG B 271 -27.26 21.48 -6.64
CA ARG B 271 -27.89 20.99 -7.86
C ARG B 271 -27.89 22.05 -8.95
N CYS B 276 -29.32 26.42 -3.35
CA CYS B 276 -28.03 26.84 -2.83
C CYS B 276 -27.90 26.44 -1.36
N VAL B 277 -27.14 25.38 -1.10
CA VAL B 277 -27.17 24.67 0.18
C VAL B 277 -26.13 25.31 1.11
N PRO B 278 -26.52 25.76 2.30
CA PRO B 278 -25.54 26.29 3.27
C PRO B 278 -24.74 25.16 3.91
N GLN B 279 -23.67 25.57 4.59
CA GLN B 279 -22.77 24.61 5.25
C GLN B 279 -23.36 24.02 6.52
N GLU B 280 -24.28 24.71 7.20
CA GLU B 280 -24.71 24.23 8.51
C GLU B 280 -25.60 23.00 8.41
N GLU B 281 -26.36 22.85 7.33
CA GLU B 281 -27.14 21.63 7.16
C GLU B 281 -26.23 20.42 6.99
N ILE B 282 -25.10 20.59 6.29
CA ILE B 282 -24.12 19.51 6.14
C ILE B 282 -23.57 19.12 7.50
N ASN B 283 -23.14 20.11 8.29
CA ASN B 283 -22.68 19.84 9.65
C ASN B 283 -23.73 19.06 10.43
N GLN B 284 -25.00 19.43 10.25
CA GLN B 284 -26.09 18.76 10.96
C GLN B 284 -26.27 17.32 10.46
N ILE B 285 -26.23 17.13 9.13
CA ILE B 285 -26.38 15.79 8.57
C ILE B 285 -25.36 14.84 9.17
N LEU B 286 -24.08 15.24 9.14
CA LEU B 286 -23.03 14.40 9.72
C LEU B 286 -23.27 14.14 11.19
N LEU B 287 -23.66 15.18 11.93
CA LEU B 287 -23.96 15.03 13.34
C LEU B 287 -25.00 13.94 13.57
N ARG B 288 -26.11 13.99 12.82
CA ARG B 288 -27.23 13.09 13.11
C ARG B 288 -26.95 11.67 12.64
N GLU B 289 -26.29 11.50 11.50
CA GLU B 289 -25.98 10.13 11.05
C GLU B 289 -25.04 9.45 12.04
N ALA B 290 -24.03 10.18 12.53
CA ALA B 290 -23.11 9.59 13.50
C ALA B 290 -23.80 9.30 14.83
N GLN B 291 -24.77 10.14 15.21
CA GLN B 291 -25.48 9.87 16.46
C GLN B 291 -26.43 8.68 16.32
N LYS B 292 -26.82 8.33 15.09
CA LYS B 292 -27.51 7.08 14.83
C LYS B 292 -26.63 5.85 15.09
N GLY B 293 -25.34 6.03 15.36
CA GLY B 293 -24.44 4.90 15.50
C GLY B 293 -23.92 4.36 14.19
N LYS B 294 -23.87 5.19 13.16
CA LYS B 294 -23.43 4.78 11.83
C LYS B 294 -21.99 5.23 11.57
N ARG B 295 -21.32 4.46 10.72
CA ARG B 295 -19.96 4.80 10.29
C ARG B 295 -20.07 5.73 9.08
N VAL B 296 -19.80 7.01 9.29
CA VAL B 296 -20.06 8.05 8.29
C VAL B 296 -18.74 8.44 7.64
N VAL B 297 -18.71 8.44 6.32
CA VAL B 297 -17.60 9.01 5.57
C VAL B 297 -18.10 10.28 4.89
N ARG B 298 -17.46 11.41 5.21
CA ARG B 298 -17.67 12.66 4.49
C ARG B 298 -16.60 12.74 3.39
N LEU B 299 -17.01 12.54 2.14
CA LEU B 299 -16.10 12.54 1.00
C LEU B 299 -16.06 13.94 0.41
N LYS B 300 -14.86 14.49 0.27
CA LYS B 300 -14.71 15.85 -0.23
C LYS B 300 -13.73 15.88 -1.39
N GLY B 301 -14.00 16.74 -2.36
CA GLY B 301 -13.06 16.89 -3.45
C GLY B 301 -11.70 17.35 -2.96
N GLY B 302 -10.65 16.79 -3.56
CA GLY B 302 -9.29 17.24 -3.25
C GLY B 302 -8.86 16.85 -1.85
N ASP B 303 -8.31 17.82 -1.12
CA ASP B 303 -7.90 17.70 0.28
C ASP B 303 -8.92 18.40 1.19
N PRO B 304 -9.32 17.78 2.31
CA PRO B 304 -10.41 18.34 3.11
C PRO B 304 -10.03 19.64 3.81
N PHE B 305 -8.76 19.91 4.03
CA PHE B 305 -8.33 21.08 4.79
C PHE B 305 -7.80 22.22 3.90
N ILE B 306 -7.96 22.13 2.58
CA ILE B 306 -7.53 23.19 1.66
C ILE B 306 -8.76 23.75 0.94
N PHE B 307 -9.29 24.88 1.45
CA PHE B 307 -10.52 25.49 0.92
C PHE B 307 -11.68 24.50 0.91
N GLY B 308 -11.68 23.56 1.84
CA GLY B 308 -12.71 22.55 1.88
C GLY B 308 -13.69 22.72 3.02
N ARG B 309 -13.47 23.72 3.88
CA ARG B 309 -14.27 23.92 5.09
C ARG B 309 -14.31 22.67 5.97
N GLY B 310 -13.27 21.83 5.85
CA GLY B 310 -13.24 20.59 6.62
C GLY B 310 -13.19 20.84 8.12
N GLY B 311 -12.43 21.85 8.53
CA GLY B 311 -12.38 22.22 9.94
C GLY B 311 -13.75 22.59 10.51
N GLU B 312 -14.57 23.29 9.72
CA GLU B 312 -15.90 23.67 10.17
C GLU B 312 -16.78 22.45 10.45
N GLU B 313 -16.64 21.39 9.66
CA GLU B 313 -17.44 20.21 9.90
C GLU B 313 -16.97 19.47 11.16
N LEU B 314 -15.66 19.46 11.41
CA LEU B 314 -15.12 18.72 12.55
C LEU B 314 -15.42 19.40 13.88
N GLU B 315 -15.43 20.75 13.91
CA GLU B 315 -15.74 21.45 15.15
C GLU B 315 -17.16 21.14 15.62
N THR B 316 -18.11 21.01 14.67
CA THR B 316 -19.45 20.56 15.01
C THR B 316 -19.40 19.23 15.78
N LEU B 317 -18.58 18.30 15.29
CA LEU B 317 -18.47 16.97 15.89
C LEU B 317 -17.70 16.95 17.20
N CYS B 318 -16.80 17.90 17.42
CA CYS B 318 -15.95 17.84 18.60
C CYS B 318 -16.76 18.05 19.89
N HIS B 319 -17.63 19.06 19.92
CA HIS B 319 -18.39 19.26 21.14
C HIS B 319 -19.39 18.12 21.39
N ALA B 320 -19.89 17.49 20.32
CA ALA B 320 -20.89 16.44 20.48
C ALA B 320 -20.31 15.12 20.94
N GLY B 321 -18.98 15.01 21.08
CA GLY B 321 -18.38 13.79 21.57
C GLY B 321 -18.32 12.67 20.56
N ILE B 322 -18.23 12.98 19.27
CA ILE B 322 -18.27 11.99 18.20
C ILE B 322 -16.85 11.76 17.72
N PRO B 323 -16.32 10.53 17.78
CA PRO B 323 -14.97 10.29 17.27
C PRO B 323 -14.86 10.60 15.79
N PHE B 324 -13.73 11.18 15.40
CA PHE B 324 -13.53 11.52 14.00
C PHE B 324 -12.06 11.39 13.66
N SER B 325 -11.79 11.30 12.37
CA SER B 325 -10.43 11.37 11.88
C SER B 325 -10.49 11.98 10.49
N VAL B 326 -9.31 12.20 9.93
CA VAL B 326 -9.16 12.89 8.66
C VAL B 326 -8.17 12.10 7.83
N VAL B 327 -8.54 11.83 6.58
CA VAL B 327 -7.65 11.22 5.59
C VAL B 327 -7.35 12.30 4.54
N PRO B 328 -6.14 12.81 4.49
CA PRO B 328 -5.84 13.85 3.51
C PRO B 328 -5.96 13.32 2.08
N GLY B 329 -6.20 14.24 1.14
CA GLY B 329 -6.25 13.89 -0.26
C GLY B 329 -5.34 14.79 -1.09
N ILE B 330 -5.19 14.41 -2.36
CA ILE B 330 -4.44 15.20 -3.34
C ILE B 330 -5.24 16.47 -3.63
N THR B 331 -4.70 17.63 -3.26
CA THR B 331 -5.42 18.87 -3.55
C THR B 331 -5.36 19.16 -5.06
N ALA B 332 -6.31 19.98 -5.55
CA ALA B 332 -6.36 20.28 -6.98
C ALA B 332 -5.01 20.77 -7.52
N ALA B 333 -4.32 21.62 -6.75
CA ALA B 333 -3.04 22.17 -7.21
C ALA B 333 -2.02 21.07 -7.49
N SER B 334 -1.88 20.08 -6.60
CA SER B 334 -0.92 19.00 -6.81
C SER B 334 -1.34 18.13 -7.99
N GLY B 335 -2.65 17.84 -8.09
CA GLY B 335 -3.13 16.98 -9.16
C GLY B 335 -3.01 17.64 -10.52
N CYS B 336 -3.49 18.89 -10.64
CA CYS B 336 -3.37 19.63 -11.89
C CYS B 336 -1.90 19.83 -12.28
N SER B 337 -1.04 20.13 -11.31
CA SER B 337 0.39 20.30 -11.60
C SER B 337 0.97 19.06 -12.27
N ALA B 338 0.72 17.88 -11.69
CA ALA B 338 1.27 16.65 -12.24
C ALA B 338 0.68 16.32 -13.61
N TYR B 339 -0.62 16.52 -13.81
CA TYR B 339 -1.27 16.11 -15.04
C TYR B 339 -1.24 17.16 -16.15
N SER B 340 -0.79 18.38 -15.88
CA SER B 340 -0.63 19.36 -16.95
C SER B 340 0.84 19.60 -17.28
N GLY B 341 1.76 18.90 -16.62
CA GLY B 341 3.17 19.14 -16.88
C GLY B 341 3.66 20.48 -16.37
N ILE B 342 3.05 20.99 -15.30
CA ILE B 342 3.42 22.29 -14.75
C ILE B 342 3.83 22.08 -13.30
N PRO B 343 5.11 21.83 -13.01
CA PRO B 343 5.51 21.62 -11.62
C PRO B 343 5.29 22.92 -10.85
N LEU B 344 4.87 22.81 -9.58
CA LEU B 344 4.63 24.04 -8.84
C LEU B 344 5.93 24.73 -8.46
N THR B 345 7.03 23.97 -8.36
CA THR B 345 8.35 24.54 -8.15
C THR B 345 9.31 23.91 -9.14
N HIS B 346 10.37 24.64 -9.46
CA HIS B 346 11.37 24.16 -10.40
C HIS B 346 12.60 25.03 -10.29
N ARG B 347 13.73 24.42 -9.93
CA ARG B 347 14.99 25.12 -9.81
C ARG B 347 14.83 26.42 -9.03
N ASP B 348 15.20 27.52 -9.68
CA ASP B 348 15.16 28.87 -9.15
C ASP B 348 13.86 29.61 -9.46
N TYR B 349 12.93 28.98 -10.19
CA TYR B 349 11.78 29.71 -10.71
C TYR B 349 10.92 30.31 -9.61
N ALA B 350 10.73 29.56 -8.51
CA ALA B 350 9.77 29.96 -7.48
C ALA B 350 10.30 29.58 -6.11
N GLN B 351 10.41 30.55 -5.22
CA GLN B 351 10.77 30.27 -3.84
C GLN B 351 9.56 29.78 -3.04
N SER B 352 8.35 30.01 -3.56
CA SER B 352 7.16 29.69 -2.81
C SER B 352 6.01 29.46 -3.78
N VAL B 353 5.06 28.65 -3.32
CA VAL B 353 3.80 28.41 -4.01
C VAL B 353 2.71 28.99 -3.15
N ARG B 354 1.83 29.76 -3.76
CA ARG B 354 0.70 30.33 -3.05
C ARG B 354 -0.58 29.68 -3.55
N LEU B 355 -1.33 29.07 -2.62
CA LEU B 355 -2.68 28.58 -2.89
C LEU B 355 -3.63 29.64 -2.36
N VAL B 356 -4.36 30.30 -3.26
CA VAL B 356 -5.21 31.43 -2.92
C VAL B 356 -6.59 31.22 -3.55
N THR B 357 -7.62 31.76 -2.91
CA THR B 357 -8.97 31.69 -3.44
C THR B 357 -9.33 33.00 -4.12
N GLY B 358 -10.22 32.90 -5.11
CA GLY B 358 -10.71 34.08 -5.81
C GLY B 358 -12.00 34.64 -5.21
N GLY B 363 -15.52 38.65 4.08
CA GLY B 363 -15.25 39.82 3.25
C GLY B 363 -13.77 39.97 2.92
N GLY B 364 -13.37 41.19 2.55
CA GLY B 364 -11.98 41.50 2.29
C GLY B 364 -11.61 41.34 0.81
N GLU B 365 -10.42 41.85 0.49
CA GLU B 365 -9.90 41.82 -0.86
C GLU B 365 -8.50 41.20 -0.87
N LEU B 366 -8.12 40.67 -2.03
CA LEU B 366 -6.78 40.11 -2.21
C LEU B 366 -5.74 41.22 -2.13
N ASP B 367 -4.59 40.89 -1.53
CA ASP B 367 -3.45 41.82 -1.43
C ASP B 367 -2.73 41.80 -2.77
N TRP B 368 -3.13 42.70 -3.68
CA TRP B 368 -2.65 42.60 -5.05
C TRP B 368 -1.15 42.88 -5.16
N GLU B 369 -0.66 43.87 -4.41
CA GLU B 369 0.79 44.08 -4.31
C GLU B 369 1.52 42.80 -3.97
N ASN B 370 1.00 42.04 -3.01
CA ASN B 370 1.63 40.79 -2.60
C ASN B 370 1.58 39.76 -3.71
N LEU B 371 0.43 39.63 -4.37
CA LEU B 371 0.28 38.61 -5.39
C LEU B 371 1.19 38.87 -6.58
N ALA B 372 1.55 40.14 -6.84
CA ALA B 372 2.33 40.49 -8.02
C ALA B 372 3.83 40.22 -7.88
N ALA B 373 4.30 39.86 -6.69
CA ALA B 373 5.74 39.81 -6.46
C ALA B 373 6.39 38.64 -7.20
N GLU B 374 7.66 38.83 -7.57
CA GLU B 374 8.37 37.84 -8.35
C GLU B 374 8.67 36.58 -7.53
N LYS B 375 9.07 35.53 -8.25
CA LYS B 375 9.58 34.29 -7.65
C LYS B 375 8.49 33.51 -6.95
N GLN B 376 7.25 33.63 -7.43
CA GLN B 376 6.14 32.85 -6.90
C GLN B 376 5.49 32.04 -8.00
N THR B 377 4.91 30.92 -7.60
CA THR B 377 3.88 30.25 -8.39
C THR B 377 2.55 30.53 -7.71
N LEU B 378 1.65 31.21 -8.40
CA LEU B 378 0.30 31.49 -7.88
C LEU B 378 -0.66 30.44 -8.40
N VAL B 379 -1.50 29.91 -7.51
CA VAL B 379 -2.56 28.98 -7.89
C VAL B 379 -3.85 29.52 -7.31
N PHE B 380 -4.76 29.93 -8.19
CA PHE B 380 -6.06 30.45 -7.79
C PHE B 380 -7.09 29.34 -7.82
N TYR B 381 -7.71 29.11 -6.67
CA TYR B 381 -8.89 28.26 -6.55
C TYR B 381 -10.14 29.12 -6.68
N MET B 382 -11.19 28.57 -7.29
CA MET B 382 -12.48 29.27 -7.43
C MET B 382 -12.29 30.71 -7.92
N GLY B 383 -11.47 30.89 -8.96
CA GLY B 383 -11.10 32.24 -9.32
C GLY B 383 -11.51 32.65 -10.71
N LEU B 384 -12.30 31.81 -11.39
CA LEU B 384 -12.63 32.06 -12.79
C LEU B 384 -13.41 33.36 -12.97
N ASN B 385 -14.38 33.61 -12.09
CA ASN B 385 -15.19 34.81 -12.24
C ASN B 385 -14.37 36.08 -12.05
N GLN B 386 -13.30 36.00 -11.26
CA GLN B 386 -12.42 37.13 -11.01
C GLN B 386 -11.26 37.20 -12.00
N ALA B 387 -11.32 36.42 -13.09
CA ALA B 387 -10.13 36.26 -13.94
C ALA B 387 -9.72 37.56 -14.62
N ALA B 388 -10.68 38.30 -15.17
CA ALA B 388 -10.34 39.54 -15.85
C ALA B 388 -9.76 40.55 -14.88
N THR B 389 -10.28 40.59 -13.65
CA THR B 389 -9.72 41.45 -12.61
C THR B 389 -8.30 41.02 -12.25
N ILE B 390 -8.04 39.71 -12.18
CA ILE B 390 -6.70 39.24 -11.82
C ILE B 390 -5.68 39.69 -12.86
N GLN B 391 -6.02 39.54 -14.15
CA GLN B 391 -5.14 40.01 -15.21
C GLN B 391 -4.80 41.50 -15.05
N GLU B 392 -5.82 42.34 -14.84
CA GLU B 392 -5.54 43.78 -14.79
C GLU B 392 -4.79 44.17 -13.53
N LYS B 393 -5.14 43.56 -12.39
CA LYS B 393 -4.47 43.92 -11.13
C LYS B 393 -3.02 43.47 -11.13
N LEU B 394 -2.73 42.24 -11.55
CA LEU B 394 -1.34 41.78 -11.62
C LEU B 394 -0.53 42.66 -12.57
N ILE B 395 -1.08 42.97 -13.75
CA ILE B 395 -0.38 43.86 -14.67
C ILE B 395 -0.22 45.24 -14.04
N ALA B 396 -1.25 45.73 -13.34
CA ALA B 396 -1.21 47.07 -12.77
C ALA B 396 -0.28 47.16 -11.57
N PHE B 397 0.11 46.03 -10.98
CA PHE B 397 1.00 46.06 -9.83
C PHE B 397 2.39 45.55 -10.17
N GLY B 398 2.73 45.48 -11.46
CA GLY B 398 4.10 45.30 -11.88
C GLY B 398 4.49 43.91 -12.37
N MET B 399 3.57 42.94 -12.36
CA MET B 399 3.94 41.64 -12.91
C MET B 399 4.16 41.78 -14.42
N GLN B 400 5.26 41.21 -14.91
CA GLN B 400 5.63 41.40 -16.30
C GLN B 400 4.58 40.81 -17.23
N ALA B 401 4.35 41.50 -18.36
CA ALA B 401 3.26 41.15 -19.26
C ALA B 401 3.44 39.79 -19.90
N ASP B 402 4.69 39.32 -20.01
CA ASP B 402 5.02 38.04 -20.62
C ASP B 402 5.03 36.89 -19.62
N MET B 403 4.53 37.10 -18.40
CA MET B 403 4.45 36.00 -17.42
C MET B 403 3.53 34.90 -17.93
N PRO B 404 4.00 33.66 -18.02
CA PRO B 404 3.12 32.58 -18.48
C PRO B 404 1.94 32.35 -17.53
N VAL B 405 0.81 31.95 -18.10
CA VAL B 405 -0.38 31.63 -17.32
C VAL B 405 -1.04 30.41 -17.94
N ALA B 406 -1.69 29.61 -17.10
CA ALA B 406 -2.40 28.44 -17.61
C ALA B 406 -3.68 28.27 -16.81
N LEU B 407 -4.67 27.69 -17.46
CA LEU B 407 -5.89 27.31 -16.76
C LEU B 407 -6.09 25.83 -16.99
N VAL B 408 -6.40 25.11 -15.91
CA VAL B 408 -6.61 23.67 -15.97
C VAL B 408 -8.03 23.39 -15.49
N GLU B 409 -8.86 22.86 -16.39
CA GLU B 409 -10.25 22.52 -16.09
C GLU B 409 -10.39 21.00 -15.96
N ASN B 410 -11.06 20.56 -14.90
CA ASN B 410 -11.28 19.12 -14.66
C ASN B 410 -9.95 18.38 -14.61
N GLY B 411 -9.01 18.95 -13.87
CA GLY B 411 -7.68 18.38 -13.81
C GLY B 411 -7.70 16.94 -13.31
N THR B 412 -6.85 16.12 -13.93
CA THR B 412 -6.63 14.70 -13.69
C THR B 412 -7.75 13.84 -14.24
N SER B 413 -8.83 14.43 -14.72
CA SER B 413 -9.89 13.60 -15.26
C SER B 413 -9.70 13.34 -16.77
N VAL B 414 -10.47 12.38 -17.29
CA VAL B 414 -10.44 12.09 -18.72
C VAL B 414 -10.96 13.24 -19.58
N LYS B 415 -11.59 14.25 -18.99
CA LYS B 415 -12.01 15.41 -19.79
C LYS B 415 -11.21 16.67 -19.47
N GLN B 416 -10.03 16.52 -18.89
CA GLN B 416 -9.21 17.68 -18.54
C GLN B 416 -8.92 18.54 -19.78
N ARG B 417 -9.01 19.87 -19.60
CA ARG B 417 -8.61 20.81 -20.65
C ARG B 417 -7.65 21.83 -20.02
N VAL B 418 -6.56 22.13 -20.73
CA VAL B 418 -5.53 23.04 -20.28
C VAL B 418 -5.31 24.11 -21.36
N VAL B 419 -5.60 25.36 -21.03
CA VAL B 419 -5.31 26.47 -21.93
C VAL B 419 -4.14 27.26 -21.36
N HIS B 420 -3.40 27.94 -22.23
CA HIS B 420 -2.21 28.63 -21.73
C HIS B 420 -1.85 29.79 -22.65
N GLY B 421 -0.90 30.59 -22.18
CA GLY B 421 -0.47 31.80 -22.84
C GLY B 421 0.31 32.66 -21.86
N VAL B 422 0.17 33.97 -22.03
CA VAL B 422 0.82 34.94 -21.15
C VAL B 422 -0.25 35.76 -20.44
N LEU B 423 0.19 36.51 -19.42
CA LEU B 423 -0.74 37.23 -18.55
C LEU B 423 -1.66 38.17 -19.33
N THR B 424 -1.14 38.86 -20.36
CA THR B 424 -2.00 39.78 -21.12
C THR B 424 -3.13 39.06 -21.85
N GLN B 425 -3.12 37.73 -21.91
CA GLN B 425 -4.22 36.97 -22.50
C GLN B 425 -5.10 36.31 -21.44
N LEU B 426 -4.87 36.56 -20.15
CA LEU B 426 -5.49 35.75 -19.10
C LEU B 426 -7.00 35.88 -19.10
N GLY B 427 -7.51 37.11 -19.13
CA GLY B 427 -8.95 37.30 -19.10
C GLY B 427 -9.67 36.66 -20.29
N GLU B 428 -9.02 36.64 -21.45
CA GLU B 428 -9.58 36.00 -22.63
C GLU B 428 -9.45 34.49 -22.57
N LEU B 429 -8.35 33.99 -21.99
CA LEU B 429 -8.18 32.55 -21.85
C LEU B 429 -9.24 31.95 -20.92
N ALA B 430 -9.59 32.67 -19.85
CA ALA B 430 -10.58 32.16 -18.90
C ALA B 430 -11.96 31.97 -19.52
N GLN B 431 -12.24 32.66 -20.64
CA GLN B 431 -13.51 32.45 -21.34
C GLN B 431 -13.66 30.99 -21.77
N GLN B 432 -12.56 30.38 -22.23
CA GLN B 432 -12.59 29.08 -22.88
C GLN B 432 -12.72 27.91 -21.90
N VAL B 433 -12.80 28.19 -20.60
CA VAL B 433 -12.95 27.13 -19.61
C VAL B 433 -14.09 27.48 -18.68
N GLU B 434 -14.56 26.46 -17.96
CA GLU B 434 -15.59 26.54 -16.95
C GLU B 434 -15.12 25.81 -15.71
N SER B 435 -15.88 25.96 -14.62
CA SER B 435 -15.52 25.31 -13.38
C SER B 435 -15.76 23.82 -13.49
N PRO B 436 -15.04 22.99 -12.68
CA PRO B 436 -14.01 23.45 -11.76
C PRO B 436 -12.67 23.65 -12.48
N ALA B 437 -11.99 24.77 -12.22
CA ALA B 437 -10.78 25.10 -12.94
C ALA B 437 -9.79 25.80 -12.01
N LEU B 438 -8.51 25.59 -12.26
CA LEU B 438 -7.43 26.30 -11.57
C LEU B 438 -6.80 27.31 -12.52
N ILE B 439 -6.35 28.43 -11.95
CA ILE B 439 -5.53 29.40 -12.66
C ILE B 439 -4.15 29.30 -12.05
N ILE B 440 -3.15 29.05 -12.89
CA ILE B 440 -1.75 28.99 -12.45
C ILE B 440 -0.98 30.11 -13.14
N VAL B 441 -0.32 30.95 -12.35
CA VAL B 441 0.47 32.07 -12.86
C VAL B 441 1.91 31.89 -12.40
N GLY B 442 2.84 31.97 -13.34
CA GLY B 442 4.25 31.94 -12.97
C GLY B 442 5.10 31.30 -14.05
N ARG B 443 6.42 31.50 -13.89
CA ARG B 443 7.38 31.01 -14.87
C ARG B 443 7.32 29.49 -15.04
N VAL B 444 6.91 28.73 -14.01
CA VAL B 444 6.85 27.26 -14.15
C VAL B 444 5.91 26.83 -15.26
N VAL B 445 4.93 27.69 -15.61
CA VAL B 445 3.93 27.33 -16.62
C VAL B 445 4.61 27.01 -17.95
N ALA B 446 5.73 27.67 -18.25
CA ALA B 446 6.42 27.43 -19.50
C ALA B 446 6.99 26.03 -19.61
N LEU B 447 7.13 25.32 -18.49
CA LEU B 447 7.66 23.96 -18.55
C LEU B 447 6.70 22.95 -19.16
N ARG B 448 5.44 23.33 -19.41
CA ARG B 448 4.47 22.37 -19.91
C ARG B 448 4.84 21.83 -21.28
N ASP B 449 5.63 22.58 -22.06
CA ASP B 449 5.97 22.11 -23.41
C ASP B 449 6.79 20.82 -23.37
N LYS B 450 7.67 20.68 -22.37
CA LYS B 450 8.50 19.49 -22.26
C LYS B 450 7.89 18.42 -21.37
N LEU B 451 7.10 18.80 -20.37
CA LEU B 451 6.72 17.90 -19.29
C LEU B 451 5.29 17.39 -19.39
N ASN B 452 4.52 17.87 -20.36
CA ASN B 452 3.15 17.40 -20.53
C ASN B 452 3.17 15.97 -21.06
N TRP B 453 2.85 15.02 -20.18
CA TRP B 453 2.76 13.61 -20.53
C TRP B 453 1.33 13.12 -20.68
N PHE B 454 0.38 13.79 -20.04
CA PHE B 454 -1.04 13.50 -20.13
C PHE B 454 -1.62 14.07 -21.43
N SER B 455 -2.73 13.49 -21.87
CA SER B 455 -3.36 13.88 -23.13
C SER B 455 -4.55 14.81 -22.88
N ASN B 456 -4.58 15.94 -23.59
CA ASN B 456 -5.65 16.93 -23.42
C ASN B 456 -6.87 16.59 -24.26
CL CL C . -6.36 -17.82 12.95
N SAH D . 8.40 16.81 -2.08
CA SAH D . 8.23 16.78 -0.65
CB SAH D . 9.15 17.78 0.05
CG SAH D . 10.64 17.50 -0.11
SD SAH D . 11.63 18.88 0.53
C SAH D . 6.76 17.05 -0.29
O SAH D . 5.91 17.29 -1.15
OXT SAH D . 6.40 17.05 0.87
C5' SAH D . 12.00 18.06 2.11
C4' SAH D . 11.27 18.69 3.28
O4' SAH D . 9.92 18.28 3.35
C3' SAH D . 11.88 18.31 4.63
O3' SAH D . 12.92 19.18 4.97
C2' SAH D . 10.72 18.55 5.56
O2' SAH D . 10.66 19.94 5.82
C1' SAH D . 9.51 18.25 4.70
N9 SAH D . 8.94 16.94 5.03
C8 SAH D . 8.91 15.82 4.23
N7 SAH D . 8.29 14.83 4.90
C5 SAH D . 7.92 15.29 6.12
C6 SAH D . 7.26 14.70 7.20
N6 SAH D . 6.84 13.43 7.20
N1 SAH D . 7.05 15.46 8.33
C2 SAH D . 7.47 16.77 8.40
N3 SAH D . 8.11 17.34 7.31
C4 SAH D . 8.33 16.61 6.20
CL CL E . 1.14 -18.73 -10.70
N SAH F . -10.55 20.93 -1.23
CA SAH F . -10.39 21.10 -2.67
CB SAH F . -10.77 22.53 -3.10
CG SAH F . -12.24 22.87 -2.98
SD SAH F . -12.57 24.58 -3.49
C SAH F . -8.96 20.77 -3.05
O SAH F . -8.13 20.43 -2.21
OXT SAH F . -8.62 20.83 -4.22
C5' SAH F . -13.20 24.18 -5.16
C4' SAH F . -12.22 24.64 -6.25
O4' SAH F . -11.11 23.75 -6.35
C3' SAH F . -12.78 24.75 -7.67
O3' SAH F . -13.42 25.96 -7.90
C2' SAH F . -11.54 24.60 -8.54
O2' SAH F . -10.87 25.85 -8.65
C1' SAH F . -10.66 23.70 -7.69
N9 SAH F . -10.71 22.31 -8.20
C8 SAH F . -11.25 21.20 -7.59
N7 SAH F . -11.10 20.12 -8.40
C5 SAH F . -10.47 20.55 -9.54
C6 SAH F . -10.05 19.89 -10.69
N6 SAH F . -10.27 18.58 -10.82
N1 SAH F . -9.44 20.62 -11.69
C2 SAH F . -9.21 21.98 -11.55
N3 SAH F . -9.63 22.63 -10.41
C4 SAH F . -10.23 21.92 -9.42
#